data_7AB5
#
_entry.id   7AB5
#
_cell.length_a   281.661
_cell.length_b   106.467
_cell.length_c   57.753
_cell.angle_alpha   90.000
_cell.angle_beta   90.750
_cell.angle_gamma   90.000
#
_symmetry.space_group_name_H-M   'C 1 2 1'
#
loop_
_entity.id
_entity.type
_entity.pdbx_description
1 polymer 'Predicted transcriptional regulator, XRE family'
2 polymer 'Couple_hipA domain-containing protein'
3 polymer 'HipA_C domain-containing protein'
4 water water
#
loop_
_entity_poly.entity_id
_entity_poly.type
_entity_poly.pdbx_seq_one_letter_code
_entity_poly.pdbx_strand_id
1 'polypeptide(L)'
;ICSGPQNLAQELKAIGDQLQELQKKLIQGPNISQPRPLLTIETPRHLGEQLNARRKELGIDLYTLELQTGISTSTLKRLF
KDPEQVKFGSVFAVANVLGVKLCIGE
;
A,D
2 'polypeptide(L)'
;HRRVKVLLYGQVVGELSQNDSGFLFQYAHDYHGPAISISLPVAQRQFPSETLHPYFASLAPEGWLRQRYSQIQHRDENDL
LGMLIDNGKNLLGAIQILPWEE
;
B,E
3 'polypeptide(L)'
;ANCRILLTPLNERDEQRGYSTQGLKRLSGTAKLNPRLGFTRTQFVQELPRQQKGMSISGYQPKLQLVLDEGEFRVVDHQG
NFILKPSPADFPGLAENEHATMTLMSRLGFDVPVHGLLSFAPQSEEELEYAFVIRRYDRDNKGLPVHQEQLDGAMQITDK
YGKTGNDNEQYVSYETLARFLVAHVNDNIAFKIDLFRRIVYAWLLGNNDMHLRNFGLVYSDGLTPALAPVYQFVSVAPYP
EYFYSNYLALPLLTREEGGRELAPGFHSDYGEYIGQDFLLLGESMGLAPRLLEKLFQDIRKENAIVMETYEQSFMTQDHI
QAVLQCYRHRLGLLHHHHHH
;
C,F
#
# COMPACT_ATOMS: atom_id res chain seq x y z
N PRO A 37 -1.54 5.00 4.98
CA PRO A 37 -1.86 3.98 5.97
C PRO A 37 -1.00 2.74 5.83
N LEU A 38 0.16 2.90 5.21
CA LEU A 38 1.08 1.80 4.93
C LEU A 38 2.43 2.14 5.54
N LEU A 39 3.04 1.16 6.22
CA LEU A 39 4.34 1.34 6.85
C LEU A 39 5.29 0.26 6.32
N THR A 40 6.41 0.70 5.76
CA THR A 40 7.41 -0.23 5.24
C THR A 40 8.23 -0.79 6.39
N ILE A 41 8.27 -2.11 6.49
CA ILE A 41 9.08 -2.77 7.53
C ILE A 41 10.54 -2.67 7.15
N GLU A 42 11.33 -1.95 7.95
CA GLU A 42 12.74 -1.76 7.64
C GLU A 42 13.59 -2.94 8.11
N THR A 43 13.32 -3.44 9.31
CA THR A 43 14.05 -4.55 9.90
C THR A 43 13.04 -5.49 10.55
N PRO A 44 13.44 -6.74 10.83
CA PRO A 44 12.57 -7.59 11.66
C PRO A 44 12.22 -6.96 13.00
N ARG A 45 13.19 -6.27 13.62
CA ARG A 45 12.90 -5.57 14.87
C ARG A 45 11.81 -4.54 14.68
N HIS A 46 11.86 -3.80 13.56
CA HIS A 46 10.83 -2.80 13.30
C HIS A 46 9.43 -3.41 13.29
N LEU A 47 9.30 -4.64 12.80
CA LEU A 47 7.99 -5.29 12.79
C LEU A 47 7.53 -5.63 14.21
N GLY A 48 8.45 -6.16 15.04
CA GLY A 48 8.06 -6.54 16.39
C GLY A 48 7.58 -5.37 17.22
N GLU A 49 8.27 -4.22 17.12
CA GLU A 49 7.86 -3.06 17.89
C GLU A 49 6.53 -2.50 17.40
N GLN A 50 6.26 -2.59 16.09
CA GLN A 50 4.97 -2.14 15.57
C GLN A 50 3.83 -3.03 16.06
N LEU A 51 4.04 -4.35 16.04
CA LEU A 51 3.00 -5.26 16.50
C LEU A 51 2.77 -5.11 18.00
N ASN A 52 3.86 -5.08 18.78
CA ASN A 52 3.75 -4.91 20.23
C ASN A 52 3.03 -3.62 20.58
N ALA A 53 3.30 -2.55 19.83
CA ALA A 53 2.58 -1.29 20.05
C ALA A 53 1.10 -1.44 19.71
N ARG A 54 0.80 -2.12 18.61
CA ARG A 54 -0.60 -2.37 18.25
C ARG A 54 -1.29 -3.23 19.32
N ARG A 55 -0.59 -4.26 19.81
CA ARG A 55 -1.14 -5.11 20.86
C ARG A 55 -1.49 -4.30 22.10
N LYS A 56 -0.60 -3.40 22.51
CA LYS A 56 -0.83 -2.64 23.73
C LYS A 56 -1.95 -1.63 23.56
N GLU A 57 -2.08 -1.04 22.36
CA GLU A 57 -3.15 -0.09 22.11
C GLU A 57 -4.52 -0.74 22.10
N LEU A 58 -4.59 -2.04 21.80
CA LEU A 58 -5.84 -2.78 21.82
C LEU A 58 -6.16 -3.37 23.19
N GLY A 59 -5.19 -3.37 24.11
CA GLY A 59 -5.43 -3.90 25.44
C GLY A 59 -5.31 -5.39 25.57
N ILE A 60 -4.69 -6.06 24.60
CA ILE A 60 -4.48 -7.51 24.68
C ILE A 60 -3.19 -7.78 25.43
N ASP A 61 -3.23 -8.72 26.36
CA ASP A 61 -2.06 -9.16 27.10
C ASP A 61 -1.50 -10.45 26.50
N LEU A 62 -0.32 -10.82 26.97
CA LEU A 62 0.39 -11.95 26.38
C LEU A 62 -0.35 -13.26 26.61
N TYR A 63 -1.00 -13.41 27.76
CA TYR A 63 -1.71 -14.66 28.05
C TYR A 63 -2.91 -14.85 27.13
N THR A 64 -3.59 -13.77 26.76
CA THR A 64 -4.69 -13.90 25.80
C THR A 64 -4.18 -14.38 24.45
N LEU A 65 -3.04 -13.86 24.01
CA LEU A 65 -2.48 -14.29 22.73
C LEU A 65 -2.03 -15.75 22.78
N GLU A 66 -1.47 -16.19 23.91
CA GLU A 66 -1.06 -17.60 24.00
C GLU A 66 -2.25 -18.53 23.85
N LEU A 67 -3.40 -18.17 24.42
CA LEU A 67 -4.57 -19.04 24.35
C LEU A 67 -5.16 -19.06 22.94
N GLN A 68 -5.17 -17.90 22.27
CA GLN A 68 -5.80 -17.81 20.95
C GLN A 68 -4.95 -18.47 19.89
N THR A 69 -3.63 -18.33 19.99
CA THR A 69 -2.67 -18.67 18.95
C THR A 69 -1.85 -19.90 19.23
N GLY A 70 -1.52 -20.15 20.49
CA GLY A 70 -0.71 -21.28 20.83
C GLY A 70 0.78 -21.01 20.92
N ILE A 71 1.25 -19.82 20.55
CA ILE A 71 2.65 -19.50 20.78
C ILE A 71 2.84 -19.13 22.25
N SER A 72 3.83 -19.75 22.89
CA SER A 72 4.14 -19.56 24.31
C SER A 72 4.41 -18.10 24.63
N THR A 73 4.22 -17.71 25.89
CA THR A 73 4.43 -16.31 26.29
C THR A 73 5.90 -15.92 26.17
N SER A 74 6.82 -16.83 26.46
CA SER A 74 8.24 -16.51 26.34
C SER A 74 8.62 -16.26 24.89
N THR A 75 8.03 -17.01 23.96
CA THR A 75 8.30 -16.78 22.54
C THR A 75 7.59 -15.53 22.05
N LEU A 76 6.42 -15.21 22.61
CA LEU A 76 5.75 -13.97 22.25
C LEU A 76 6.57 -12.76 22.68
N LYS A 77 7.24 -12.83 23.83
CA LYS A 77 8.12 -11.73 24.24
C LYS A 77 9.28 -11.56 23.27
N ARG A 78 9.84 -12.67 22.80
CA ARG A 78 10.90 -12.59 21.79
C ARG A 78 10.34 -12.04 20.48
N LEU A 79 9.10 -12.39 20.14
CA LEU A 79 8.50 -11.90 18.91
C LEU A 79 8.40 -10.38 18.91
N PHE A 80 8.04 -9.79 20.04
CA PHE A 80 7.87 -8.35 20.12
C PHE A 80 9.17 -7.60 20.36
N LYS A 81 10.25 -8.31 20.68
CA LYS A 81 11.56 -7.69 20.83
C LYS A 81 12.33 -7.70 19.52
N ASP A 82 12.63 -8.89 19.00
CA ASP A 82 13.29 -9.06 17.70
C ASP A 82 12.86 -10.40 17.13
N PRO A 83 11.87 -10.41 16.24
CA PRO A 83 11.36 -11.68 15.71
C PRO A 83 12.24 -12.27 14.61
N GLU A 84 13.54 -11.94 14.62
CA GLU A 84 14.45 -12.49 13.61
C GLU A 84 14.54 -14.00 13.68
N GLN A 85 14.45 -14.58 14.88
CA GLN A 85 14.63 -16.01 15.09
C GLN A 85 13.32 -16.75 15.31
N VAL A 86 12.18 -16.09 15.14
CA VAL A 86 10.86 -16.70 15.34
C VAL A 86 10.36 -17.21 14.00
N LYS A 87 9.71 -18.38 14.04
CA LYS A 87 9.10 -18.95 12.84
C LYS A 87 8.16 -17.94 12.18
N PHE A 88 8.30 -17.80 10.87
CA PHE A 88 7.50 -16.80 10.15
C PHE A 88 6.01 -17.03 10.35
N GLY A 89 5.59 -18.29 10.44
CA GLY A 89 4.18 -18.58 10.69
C GLY A 89 3.69 -18.03 12.01
N SER A 90 4.56 -17.99 13.02
CA SER A 90 4.18 -17.41 14.30
C SER A 90 4.00 -15.90 14.20
N VAL A 91 4.86 -15.24 13.43
CA VAL A 91 4.73 -13.80 13.24
C VAL A 91 3.48 -13.47 12.43
N PHE A 92 3.22 -14.25 11.39
CA PHE A 92 2.01 -14.04 10.58
C PHE A 92 0.75 -14.31 11.39
N ALA A 93 0.78 -15.32 12.25
CA ALA A 93 -0.38 -15.64 13.08
C ALA A 93 -0.71 -14.47 14.01
N VAL A 94 0.32 -13.91 14.67
CA VAL A 94 0.09 -12.83 15.62
C VAL A 94 -0.46 -11.59 14.92
N ALA A 95 0.01 -11.31 13.70
CA ALA A 95 -0.42 -10.12 12.99
C ALA A 95 -1.90 -10.19 12.62
N ASN A 96 -2.41 -11.38 12.34
CA ASN A 96 -3.84 -11.52 12.04
C ASN A 96 -4.70 -11.31 13.29
N VAL A 97 -4.22 -11.80 14.43
CA VAL A 97 -4.94 -11.63 15.69
C VAL A 97 -5.05 -10.16 16.07
N LEU A 98 -4.09 -9.35 15.65
CA LEU A 98 -4.06 -7.94 16.00
C LEU A 98 -4.72 -7.05 14.95
N GLY A 99 -5.30 -7.63 13.91
CA GLY A 99 -5.92 -6.84 12.85
C GLY A 99 -4.94 -6.17 11.93
N VAL A 100 -3.71 -6.67 11.85
CA VAL A 100 -2.65 -6.08 11.04
C VAL A 100 -2.57 -6.83 9.72
N LYS A 101 -2.66 -6.10 8.62
CA LYS A 101 -2.50 -6.67 7.29
C LYS A 101 -1.03 -6.62 6.88
N LEU A 102 -0.59 -7.65 6.16
CA LEU A 102 0.79 -7.76 5.71
C LEU A 102 0.80 -7.77 4.19
N CYS A 103 1.42 -6.77 3.58
CA CYS A 103 1.47 -6.62 2.14
C CYS A 103 2.92 -6.62 1.67
N ILE A 104 3.11 -6.81 0.37
CA ILE A 104 4.43 -6.73 -0.24
C ILE A 104 4.37 -5.81 -1.45
N GLY A 105 5.41 -5.00 -1.62
CA GLY A 105 5.54 -4.14 -2.76
C GLY A 105 6.94 -4.19 -3.34
N GLU A 106 7.18 -3.35 -4.33
CA GLU A 106 8.46 -3.32 -5.02
C GLU A 106 8.90 -1.89 -5.29
N HIS B 1 -42.93 12.13 -7.25
CA HIS B 1 -43.66 12.17 -5.98
C HIS B 1 -42.99 13.14 -5.00
N ARG B 2 -41.73 12.86 -4.67
CA ARG B 2 -40.98 13.68 -3.74
C ARG B 2 -39.50 13.63 -4.10
N ARG B 3 -38.78 14.70 -3.77
CA ARG B 3 -37.35 14.80 -4.03
C ARG B 3 -36.70 15.58 -2.90
N VAL B 4 -35.66 15.01 -2.30
CA VAL B 4 -35.08 15.57 -1.08
C VAL B 4 -33.56 15.51 -1.17
N LYS B 5 -32.91 16.47 -0.50
CA LYS B 5 -31.46 16.53 -0.43
C LYS B 5 -30.94 15.71 0.75
N VAL B 6 -29.80 15.04 0.54
CA VAL B 6 -29.11 14.27 1.57
C VAL B 6 -27.78 14.95 1.85
N LEU B 7 -27.48 15.19 3.13
CA LEU B 7 -26.22 15.83 3.47
C LEU B 7 -25.59 15.22 4.71
N LEU B 8 -24.27 15.10 4.69
CA LEU B 8 -23.48 14.48 5.73
C LEU B 8 -22.42 15.47 6.19
N TYR B 9 -22.31 15.68 7.50
CA TYR B 9 -21.41 16.66 8.09
C TYR B 9 -21.73 18.08 7.61
N GLY B 10 -23.00 18.35 7.32
CA GLY B 10 -23.44 19.67 6.93
C GLY B 10 -23.37 19.96 5.43
N GLN B 11 -22.61 19.16 4.68
CA GLN B 11 -22.47 19.35 3.24
C GLN B 11 -23.27 18.30 2.49
N VAL B 12 -23.90 18.72 1.40
CA VAL B 12 -24.76 17.83 0.63
C VAL B 12 -23.89 16.81 -0.11
N VAL B 13 -24.16 15.53 0.11
CA VAL B 13 -23.45 14.47 -0.58
C VAL B 13 -24.28 13.83 -1.69
N GLY B 14 -25.58 14.05 -1.71
CA GLY B 14 -26.40 13.44 -2.74
C GLY B 14 -27.87 13.78 -2.55
N GLU B 15 -28.71 13.05 -3.28
CA GLU B 15 -30.13 13.35 -3.35
C GLU B 15 -30.93 12.05 -3.36
N LEU B 16 -32.06 12.06 -2.66
CA LEU B 16 -32.98 10.91 -2.60
C LEU B 16 -34.25 11.28 -3.34
N SER B 17 -34.60 10.50 -4.35
CA SER B 17 -35.73 10.79 -5.22
C SER B 17 -36.77 9.68 -5.11
N GLN B 18 -38.03 10.05 -5.37
CA GLN B 18 -39.15 9.11 -5.33
C GLN B 18 -40.05 9.35 -6.53
N ASN B 19 -40.31 8.31 -7.31
CA ASN B 19 -41.25 8.41 -8.42
C ASN B 19 -42.24 7.26 -8.40
N ASP B 20 -42.80 6.90 -9.56
CA ASP B 20 -43.85 5.90 -9.63
C ASP B 20 -43.30 4.47 -9.47
N SER B 21 -42.15 4.18 -10.08
CA SER B 21 -41.62 2.82 -9.98
C SER B 21 -40.89 2.59 -8.66
N GLY B 22 -40.25 3.62 -8.11
CA GLY B 22 -39.59 3.45 -6.82
C GLY B 22 -38.74 4.65 -6.47
N PHE B 23 -37.71 4.38 -5.68
CA PHE B 23 -36.80 5.39 -5.15
C PHE B 23 -35.43 5.27 -5.80
N LEU B 24 -34.69 6.37 -5.79
CA LEU B 24 -33.35 6.44 -6.38
C LEU B 24 -32.50 7.34 -5.49
N PHE B 25 -31.49 6.77 -4.84
CA PHE B 25 -30.50 7.58 -4.14
C PHE B 25 -29.28 7.74 -5.03
N GLN B 26 -28.72 8.95 -5.03
CA GLN B 26 -27.69 9.34 -5.98
C GLN B 26 -26.65 10.17 -5.25
N TYR B 27 -25.38 9.74 -5.34
CA TYR B 27 -24.28 10.60 -4.92
C TYR B 27 -23.98 11.61 -6.01
N ALA B 28 -23.66 12.83 -5.60
CA ALA B 28 -23.22 13.84 -6.55
C ALA B 28 -21.92 13.40 -7.20
N HIS B 29 -21.84 13.51 -8.54
CA HIS B 29 -20.69 12.97 -9.26
C HIS B 29 -19.36 13.57 -8.80
N ASP B 30 -19.40 14.68 -8.08
CA ASP B 30 -18.21 15.36 -7.61
C ASP B 30 -17.90 15.11 -6.13
N TYR B 31 -18.69 14.27 -5.47
CA TYR B 31 -18.44 13.94 -4.07
C TYR B 31 -17.60 12.68 -3.99
N HIS B 32 -16.43 12.78 -3.37
CA HIS B 32 -15.54 11.65 -3.16
C HIS B 32 -15.10 11.57 -1.71
N GLY B 33 -16.02 11.85 -0.79
CA GLY B 33 -15.75 11.76 0.63
C GLY B 33 -16.23 10.42 1.19
N PRO B 34 -16.52 10.39 2.49
CA PRO B 34 -16.96 9.14 3.11
C PRO B 34 -18.39 8.79 2.74
N ALA B 35 -18.68 7.49 2.72
CA ALA B 35 -20.00 7.00 2.39
C ALA B 35 -20.93 7.11 3.60
N ILE B 36 -22.18 7.49 3.35
CA ILE B 36 -23.14 7.70 4.43
C ILE B 36 -23.53 6.41 5.14
N SER B 37 -23.23 5.26 4.55
CA SER B 37 -23.55 3.95 5.10
C SER B 37 -22.79 2.91 4.32
N ILE B 38 -22.41 1.83 4.99
CA ILE B 38 -21.73 0.75 4.27
C ILE B 38 -22.66 0.03 3.32
N SER B 39 -23.98 0.24 3.44
CA SER B 39 -24.93 -0.28 2.48
C SER B 39 -24.93 0.53 1.18
N LEU B 40 -24.39 1.75 1.21
CA LEU B 40 -24.39 2.65 0.05
C LEU B 40 -22.96 3.10 -0.23
N PRO B 41 -22.17 2.25 -0.89
CA PRO B 41 -20.78 2.61 -1.17
C PRO B 41 -20.70 3.78 -2.15
N VAL B 42 -19.67 4.61 -1.97
CA VAL B 42 -19.50 5.77 -2.84
C VAL B 42 -19.14 5.35 -4.26
N ALA B 43 -18.58 4.16 -4.44
CA ALA B 43 -18.14 3.74 -5.77
C ALA B 43 -19.31 3.43 -6.70
N GLN B 44 -20.45 3.01 -6.13
CA GLN B 44 -21.59 2.62 -6.96
C GLN B 44 -22.39 3.82 -7.46
N ARG B 45 -22.38 4.92 -6.69
CA ARG B 45 -22.95 6.21 -7.08
C ARG B 45 -24.49 6.19 -7.17
N GLN B 46 -25.06 5.36 -8.04
CA GLN B 46 -26.51 5.32 -8.23
C GLN B 46 -27.11 4.11 -7.52
N PHE B 47 -28.29 4.31 -6.93
CA PHE B 47 -28.94 3.30 -6.09
C PHE B 47 -30.43 3.24 -6.37
N PRO B 48 -30.88 2.33 -7.23
CA PRO B 48 -32.32 2.14 -7.45
C PRO B 48 -32.91 1.08 -6.54
N SER B 49 -34.20 1.24 -6.25
CA SER B 49 -34.94 0.30 -5.42
C SER B 49 -36.42 0.63 -5.48
N GLU B 50 -37.25 -0.42 -5.52
CA GLU B 50 -38.70 -0.21 -5.55
C GLU B 50 -39.22 0.27 -4.20
N THR B 51 -38.74 -0.33 -3.12
CA THR B 51 -39.05 0.12 -1.77
C THR B 51 -37.90 0.98 -1.25
N LEU B 52 -38.17 1.72 -0.19
CA LEU B 52 -37.15 2.59 0.38
C LEU B 52 -35.92 1.78 0.78
N HIS B 53 -34.75 2.30 0.43
CA HIS B 53 -33.50 1.64 0.80
C HIS B 53 -33.50 1.35 2.29
N PRO B 54 -33.08 0.15 2.72
CA PRO B 54 -33.15 -0.19 4.14
C PRO B 54 -32.41 0.77 5.04
N TYR B 55 -31.35 1.41 4.56
CA TYR B 55 -30.70 2.44 5.35
C TYR B 55 -31.66 3.57 5.68
N PHE B 56 -32.30 4.13 4.65
CA PHE B 56 -33.13 5.32 4.86
C PHE B 56 -34.34 5.00 5.72
N ALA B 57 -34.98 3.85 5.51
CA ALA B 57 -36.10 3.47 6.36
C ALA B 57 -35.69 3.41 7.83
N SER B 58 -34.46 2.96 8.11
CA SER B 58 -34.02 2.74 9.47
C SER B 58 -33.65 4.04 10.20
N LEU B 59 -33.47 5.16 9.48
CA LEU B 59 -33.19 6.40 10.18
C LEU B 59 -34.44 7.01 10.80
N ALA B 60 -35.63 6.58 10.38
CA ALA B 60 -36.85 7.09 10.99
C ALA B 60 -36.99 6.55 12.41
N PRO B 61 -37.44 7.36 13.35
CA PRO B 61 -37.62 6.88 14.72
C PRO B 61 -38.89 6.05 14.86
N GLU B 62 -38.87 5.15 15.84
CA GLU B 62 -40.03 4.29 16.04
C GLU B 62 -40.52 4.33 17.48
N GLY B 63 -41.51 3.50 17.79
CA GLY B 63 -41.99 3.39 19.17
C GLY B 63 -42.70 4.65 19.62
N TRP B 64 -42.42 5.04 20.86
CA TRP B 64 -43.06 6.23 21.45
C TRP B 64 -42.80 7.48 20.61
N LEU B 65 -41.62 7.57 20.00
CA LEU B 65 -41.30 8.73 19.19
C LEU B 65 -42.07 8.73 17.86
N ARG B 66 -42.31 7.55 17.28
CA ARG B 66 -43.13 7.48 16.07
C ARG B 66 -44.59 7.73 16.39
N GLN B 67 -45.03 7.41 17.61
CA GLN B 67 -46.43 7.61 17.98
C GLN B 67 -46.72 9.09 18.26
N ARG B 68 -45.84 9.77 19.00
CA ARG B 68 -46.06 11.18 19.28
C ARG B 68 -46.02 12.02 18.01
N TYR B 69 -45.21 11.63 17.03
CA TYR B 69 -45.12 12.38 15.79
C TYR B 69 -46.31 12.13 14.88
N SER B 70 -46.88 10.93 14.90
CA SER B 70 -47.93 10.56 13.96
C SER B 70 -49.34 10.81 14.48
N GLN B 71 -49.51 11.07 15.78
CA GLN B 71 -50.82 11.44 16.30
C GLN B 71 -51.19 12.88 15.98
N ILE B 72 -50.21 13.70 15.60
CA ILE B 72 -50.46 15.10 15.30
C ILE B 72 -50.14 15.46 13.85
N GLN B 73 -49.33 14.68 13.15
CA GLN B 73 -48.99 14.92 11.75
C GLN B 73 -49.41 13.70 10.93
N HIS B 74 -50.51 13.85 10.17
CA HIS B 74 -51.04 12.75 9.38
C HIS B 74 -50.25 12.63 8.08
N ARG B 75 -49.27 11.75 8.07
CA ARG B 75 -48.60 11.34 6.85
C ARG B 75 -49.23 10.05 6.35
N ASP B 76 -49.11 9.80 5.05
CA ASP B 76 -49.58 8.52 4.52
C ASP B 76 -48.79 7.39 5.16
N GLU B 77 -49.51 6.54 5.91
CA GLU B 77 -48.86 5.58 6.80
C GLU B 77 -47.79 4.74 6.11
N ASN B 78 -47.96 4.46 4.82
CA ASN B 78 -46.94 3.69 4.12
C ASN B 78 -46.57 4.27 2.77
N ASP B 79 -47.54 4.73 1.98
CA ASP B 79 -47.25 5.21 0.63
C ASP B 79 -46.23 6.33 0.65
N LEU B 80 -46.47 7.34 1.49
CA LEU B 80 -45.45 8.33 1.80
C LEU B 80 -44.61 7.74 2.93
N LEU B 81 -43.47 7.16 2.58
CA LEU B 81 -42.52 6.72 3.60
C LEU B 81 -41.52 7.79 3.96
N GLY B 82 -41.64 8.97 3.35
CA GLY B 82 -40.83 10.10 3.72
C GLY B 82 -41.37 10.82 4.95
N MET B 83 -41.40 10.12 6.07
CA MET B 83 -41.48 10.84 7.34
C MET B 83 -40.11 11.35 7.75
N LEU B 84 -39.07 10.92 7.02
CA LEU B 84 -37.71 11.38 7.30
C LEU B 84 -37.56 12.88 7.08
N ILE B 85 -38.28 13.44 6.09
CA ILE B 85 -38.16 14.89 5.85
C ILE B 85 -38.61 15.68 7.08
N ASP B 86 -39.67 15.24 7.75
CA ASP B 86 -40.12 15.96 8.94
C ASP B 86 -39.14 15.82 10.09
N ASN B 87 -38.48 14.66 10.22
CA ASN B 87 -37.53 14.43 11.29
C ASN B 87 -36.07 14.65 10.86
N GLY B 88 -35.85 15.08 9.62
CA GLY B 88 -34.52 15.17 9.03
C GLY B 88 -33.43 15.81 9.85
N LYS B 89 -33.77 16.85 10.63
CA LYS B 89 -32.77 17.55 11.42
C LYS B 89 -32.50 16.92 12.77
N ASN B 90 -33.30 15.94 13.18
CA ASN B 90 -33.14 15.26 14.46
C ASN B 90 -32.74 13.79 14.25
N LEU B 91 -31.81 13.55 13.35
CA LEU B 91 -31.35 12.21 13.02
C LEU B 91 -30.09 11.89 13.81
N LEU B 92 -29.91 10.59 14.09
CA LEU B 92 -28.71 10.14 14.78
C LEU B 92 -27.50 10.25 13.87
N GLY B 93 -26.38 10.70 14.44
CA GLY B 93 -25.15 10.80 13.69
C GLY B 93 -24.92 12.16 13.06
N ALA B 94 -24.33 12.16 11.87
CA ALA B 94 -23.97 13.39 11.17
C ALA B 94 -24.72 13.53 9.85
N ILE B 95 -25.94 13.00 9.78
CA ILE B 95 -26.71 12.97 8.54
C ILE B 95 -27.97 13.81 8.71
N GLN B 96 -28.32 14.56 7.66
CA GLN B 96 -29.51 15.40 7.65
C GLN B 96 -30.27 15.20 6.35
N ILE B 97 -31.60 15.22 6.46
CA ILE B 97 -32.51 15.04 5.34
C ILE B 97 -33.27 16.35 5.19
N LEU B 98 -32.98 17.10 4.12
CA LEU B 98 -33.53 18.45 3.98
C LEU B 98 -34.23 18.64 2.64
N PRO B 99 -35.40 19.26 2.64
CA PRO B 99 -36.12 19.48 1.38
C PRO B 99 -35.36 20.39 0.43
N TRP B 100 -35.70 20.28 -0.85
CA TRP B 100 -35.03 21.05 -1.90
C TRP B 100 -35.34 22.54 -1.77
N ALA C 1 -27.64 5.58 51.07
CA ALA C 1 -26.76 4.42 51.04
C ALA C 1 -25.91 4.40 49.77
N ASN C 2 -26.54 4.20 48.62
CA ASN C 2 -25.84 4.01 47.37
C ASN C 2 -26.07 5.18 46.41
N CYS C 3 -25.09 5.38 45.53
CA CYS C 3 -25.08 6.52 44.62
C CYS C 3 -26.09 6.31 43.48
N ARG C 4 -26.91 7.32 43.23
CA ARG C 4 -27.89 7.27 42.16
C ARG C 4 -27.26 7.27 40.77
N ILE C 5 -25.95 7.43 40.67
CA ILE C 5 -25.23 7.38 39.41
C ILE C 5 -24.32 6.16 39.33
N LEU C 6 -23.54 5.92 40.38
CA LEU C 6 -22.50 4.90 40.35
C LEU C 6 -22.88 3.63 41.12
N LEU C 7 -23.96 3.67 41.90
CA LEU C 7 -24.42 2.55 42.74
C LEU C 7 -23.40 2.15 43.80
N THR C 8 -22.34 2.95 44.00
CA THR C 8 -21.37 2.70 45.04
C THR C 8 -21.83 3.35 46.36
N PRO C 9 -21.41 2.79 47.50
CA PRO C 9 -21.90 3.31 48.78
C PRO C 9 -21.52 4.76 49.01
N LEU C 10 -22.47 5.53 49.49
CA LEU C 10 -22.27 6.95 49.76
C LEU C 10 -21.62 7.15 51.12
N ASN C 11 -20.82 8.21 51.24
CA ASN C 11 -20.25 8.60 52.51
C ASN C 11 -21.18 9.58 53.23
N GLU C 12 -20.86 9.85 54.50
CA GLU C 12 -21.73 10.67 55.34
C GLU C 12 -22.07 12.01 54.69
N ARG C 13 -21.04 12.68 54.15
CA ARG C 13 -21.23 13.93 53.42
C ARG C 13 -22.36 13.82 52.40
N ASP C 14 -22.20 12.95 51.42
CA ASP C 14 -23.06 12.87 50.25
C ASP C 14 -24.33 12.04 50.47
N GLU C 15 -24.54 11.53 51.69
CA GLU C 15 -25.69 10.65 51.92
C GLU C 15 -27.00 11.37 51.66
N GLN C 16 -27.16 12.57 52.22
CA GLN C 16 -28.43 13.28 52.09
C GLN C 16 -28.69 13.73 50.67
N ARG C 17 -27.64 14.01 49.89
CA ARG C 17 -27.83 14.42 48.50
C ARG C 17 -28.27 13.23 47.64
N GLY C 18 -27.78 12.04 47.94
CA GLY C 18 -28.06 10.86 47.16
C GLY C 18 -27.11 10.60 46.01
N TYR C 19 -26.15 11.50 45.78
CA TYR C 19 -25.20 11.38 44.69
C TYR C 19 -23.79 11.65 45.20
N SER C 20 -22.85 10.83 44.77
CA SER C 20 -21.45 11.08 45.04
C SER C 20 -20.89 12.11 44.06
N THR C 21 -19.86 12.82 44.50
CA THR C 21 -19.21 13.79 43.61
C THR C 21 -18.48 13.09 42.48
N GLN C 22 -17.89 11.92 42.76
N GLN C 22 -17.91 11.90 42.75
CA GLN C 22 -17.22 11.16 41.70
CA GLN C 22 -17.22 11.14 41.73
C GLN C 22 -18.19 10.74 40.61
C GLN C 22 -18.17 10.65 40.64
N GLY C 23 -19.44 10.48 40.97
CA GLY C 23 -20.45 10.08 39.99
C GLY C 23 -21.02 11.27 39.25
N LEU C 24 -21.27 12.36 39.97
CA LEU C 24 -21.64 13.62 39.31
C LEU C 24 -20.59 14.05 38.30
N LYS C 25 -19.32 13.76 38.58
CA LYS C 25 -18.25 14.09 37.65
C LYS C 25 -18.32 13.19 36.41
N ARG C 26 -18.49 11.89 36.62
CA ARG C 26 -18.57 10.96 35.49
C ARG C 26 -19.68 11.35 34.53
N LEU C 27 -20.81 11.83 35.06
CA LEU C 27 -21.95 12.13 34.22
C LEU C 27 -21.78 13.45 33.47
N SER C 28 -21.34 14.50 34.17
CA SER C 28 -21.30 15.84 33.60
C SER C 28 -19.90 16.35 33.31
N GLY C 29 -18.89 15.88 34.04
CA GLY C 29 -17.57 16.47 33.97
C GLY C 29 -17.33 17.57 34.99
N THR C 30 -18.36 17.97 35.74
CA THR C 30 -18.25 18.97 36.77
C THR C 30 -18.83 18.42 38.07
N ALA C 31 -18.28 18.88 39.19
CA ALA C 31 -18.68 18.37 40.49
C ALA C 31 -19.89 19.06 41.08
N LYS C 32 -20.41 20.12 40.45
CA LYS C 32 -21.58 20.81 40.96
C LYS C 32 -22.73 20.75 39.96
N LEU C 33 -22.92 19.56 39.37
CA LEU C 33 -24.10 19.27 38.59
C LEU C 33 -25.31 19.16 39.51
N ASN C 34 -26.47 19.60 39.03
CA ASN C 34 -27.72 19.46 39.78
C ASN C 34 -28.54 18.35 39.14
N PRO C 35 -28.60 17.16 39.74
CA PRO C 35 -29.39 16.07 39.18
C PRO C 35 -30.86 16.10 39.55
N ARG C 36 -31.33 17.15 40.20
CA ARG C 36 -32.75 17.32 40.53
C ARG C 36 -33.35 18.21 39.45
N LEU C 37 -34.01 17.59 38.47
CA LEU C 37 -34.42 18.32 37.27
C LEU C 37 -35.43 19.41 37.64
N GLY C 38 -35.38 20.52 36.90
CA GLY C 38 -36.22 21.65 37.19
C GLY C 38 -37.52 21.67 36.41
N PHE C 39 -38.05 20.48 36.11
CA PHE C 39 -39.32 20.37 35.41
C PHE C 39 -39.99 19.07 35.81
N THR C 40 -41.31 19.05 35.73
CA THR C 40 -42.08 17.86 36.06
C THR C 40 -42.18 16.93 34.85
N ARG C 41 -42.63 15.71 35.10
CA ARG C 41 -42.78 14.74 34.02
C ARG C 41 -43.84 15.16 33.03
N THR C 42 -45.05 15.46 33.51
CA THR C 42 -46.14 15.86 32.65
C THR C 42 -45.87 17.17 31.92
N GLN C 43 -44.79 17.87 32.27
CA GLN C 43 -44.43 19.10 31.57
C GLN C 43 -44.01 18.82 30.14
N PHE C 44 -43.31 17.71 29.91
CA PHE C 44 -42.74 17.43 28.60
C PHE C 44 -43.19 16.08 28.06
N VAL C 45 -43.51 15.15 28.96
CA VAL C 45 -43.92 13.80 28.56
C VAL C 45 -45.44 13.80 28.45
N GLN C 46 -45.94 13.71 27.21
CA GLN C 46 -47.37 13.56 27.00
C GLN C 46 -47.78 12.12 27.24
N GLU C 47 -48.97 11.94 27.81
CA GLU C 47 -49.46 10.62 28.18
C GLU C 47 -50.06 9.97 26.94
N LEU C 48 -49.25 9.18 26.24
CA LEU C 48 -49.67 8.58 24.98
C LEU C 48 -50.47 7.30 25.22
N PRO C 49 -51.48 7.03 24.42
CA PRO C 49 -52.25 5.79 24.59
C PRO C 49 -51.39 4.57 24.29
N ARG C 50 -51.74 3.46 24.93
CA ARG C 50 -51.02 2.21 24.70
C ARG C 50 -51.43 1.66 23.34
N GLN C 51 -50.49 1.65 22.40
CA GLN C 51 -50.75 1.12 21.07
C GLN C 51 -50.47 -0.37 21.07
N GLN C 52 -51.46 -1.16 20.64
CA GLN C 52 -51.46 -2.63 20.67
C GLN C 52 -50.76 -3.18 21.91
N LYS C 53 -50.06 -4.30 21.75
CA LYS C 53 -49.44 -4.98 22.87
C LYS C 53 -48.42 -5.98 22.32
N GLY C 54 -47.76 -6.69 23.22
CA GLY C 54 -46.83 -7.75 22.87
C GLY C 54 -45.73 -7.36 21.91
N MET C 55 -45.23 -6.14 22.05
CA MET C 55 -44.14 -5.63 21.23
C MET C 55 -42.83 -5.80 22.02
N SER C 56 -41.91 -4.83 22.01
CA SER C 56 -40.81 -4.75 22.97
C SER C 56 -41.13 -3.69 24.02
N ILE C 57 -40.70 -3.93 25.26
CA ILE C 57 -40.98 -2.98 26.34
C ILE C 57 -40.38 -1.61 26.03
N SER C 58 -39.31 -1.58 25.24
CA SER C 58 -38.70 -0.32 24.83
C SER C 58 -39.56 0.46 23.83
N GLY C 59 -40.48 -0.22 23.12
CA GLY C 59 -41.38 0.48 22.23
C GLY C 59 -42.42 1.32 22.92
N TYR C 60 -42.50 1.25 24.24
CA TYR C 60 -43.39 2.08 25.04
C TYR C 60 -42.64 3.16 25.81
N GLN C 61 -41.31 3.16 25.75
CA GLN C 61 -40.50 4.05 26.58
C GLN C 61 -40.42 5.44 25.94
N PRO C 62 -40.84 6.49 26.64
CA PRO C 62 -40.59 7.84 26.13
C PRO C 62 -39.11 8.17 26.13
N LYS C 63 -38.75 9.16 25.31
CA LYS C 63 -37.37 9.61 25.20
C LYS C 63 -37.37 11.14 25.11
N LEU C 64 -36.58 11.78 25.97
CA LEU C 64 -36.40 13.22 25.94
C LEU C 64 -34.93 13.55 25.65
N GLN C 65 -34.72 14.65 24.94
CA GLN C 65 -33.39 15.08 24.55
C GLN C 65 -32.94 16.22 25.45
N LEU C 66 -31.83 16.02 26.15
CA LEU C 66 -31.35 16.94 27.17
C LEU C 66 -30.03 17.57 26.74
N VAL C 67 -29.78 18.77 27.26
CA VAL C 67 -28.50 19.45 27.08
C VAL C 67 -28.06 19.98 28.44
N LEU C 68 -26.75 20.09 28.62
CA LEU C 68 -26.17 20.60 29.86
C LEU C 68 -25.87 22.08 29.68
N ASP C 69 -26.63 22.94 30.34
CA ASP C 69 -26.46 24.38 30.17
C ASP C 69 -25.34 24.90 31.05
N GLU C 70 -25.42 24.67 32.37
CA GLU C 70 -24.25 24.87 33.22
C GLU C 70 -24.01 23.60 34.03
N GLY C 71 -24.57 23.52 35.23
CA GLY C 71 -24.69 22.28 35.95
C GLY C 71 -26.15 21.89 36.03
N GLU C 72 -26.94 22.39 35.08
CA GLU C 72 -28.38 22.21 35.03
C GLU C 72 -28.77 21.48 33.76
N PHE C 73 -29.68 20.52 33.90
CA PHE C 73 -30.20 19.78 32.75
C PHE C 73 -31.40 20.51 32.17
N ARG C 74 -31.43 20.61 30.85
CA ARG C 74 -32.38 21.45 30.13
C ARG C 74 -32.91 20.69 28.92
N VAL C 75 -34.22 20.80 28.69
CA VAL C 75 -34.89 20.04 27.63
C VAL C 75 -34.86 20.83 26.35
N VAL C 76 -34.38 20.19 25.29
CA VAL C 76 -34.36 20.75 23.94
C VAL C 76 -35.15 19.82 23.03
N ASP C 77 -35.53 20.34 21.86
CA ASP C 77 -36.22 19.55 20.85
C ASP C 77 -35.30 19.18 19.70
N HIS C 78 -34.15 19.82 19.57
CA HIS C 78 -33.18 19.56 18.52
C HIS C 78 -32.03 18.75 19.10
N GLN C 79 -31.03 18.45 18.25
CA GLN C 79 -29.89 17.64 18.62
C GLN C 79 -29.26 18.03 19.95
N GLY C 80 -29.36 17.15 20.95
CA GLY C 80 -28.79 17.38 22.25
C GLY C 80 -27.59 16.49 22.52
N ASN C 81 -27.18 16.47 23.80
CA ASN C 81 -26.07 15.64 24.24
C ASN C 81 -26.47 14.50 25.15
N PHE C 82 -27.68 14.54 25.72
CA PHE C 82 -28.15 13.50 26.62
C PHE C 82 -29.53 13.02 26.15
N ILE C 83 -29.86 11.78 26.52
CA ILE C 83 -31.18 11.22 26.31
C ILE C 83 -31.73 10.82 27.67
N LEU C 84 -32.90 11.34 28.02
CA LEU C 84 -33.58 11.02 29.27
C LEU C 84 -34.68 10.00 28.98
N LYS C 85 -34.72 8.93 29.76
CA LYS C 85 -35.66 7.84 29.55
C LYS C 85 -36.50 7.61 30.79
N PRO C 86 -37.72 8.14 30.86
CA PRO C 86 -38.60 7.84 31.99
C PRO C 86 -39.07 6.40 31.94
N SER C 87 -39.56 5.92 33.07
CA SER C 87 -40.21 4.63 33.10
C SER C 87 -41.53 4.71 32.34
N PRO C 88 -41.80 3.79 31.42
CA PRO C 88 -43.11 3.79 30.77
C PRO C 88 -44.22 3.65 31.79
N ALA C 89 -45.39 4.18 31.43
CA ALA C 89 -46.53 4.16 32.35
C ALA C 89 -46.90 2.74 32.75
N ASP C 90 -46.85 1.81 31.80
CA ASP C 90 -47.24 0.43 32.04
C ASP C 90 -46.14 -0.41 32.66
N PHE C 91 -44.94 0.15 32.83
CA PHE C 91 -43.80 -0.61 33.36
C PHE C 91 -43.06 0.24 34.37
N PRO C 92 -43.58 0.32 35.60
CA PRO C 92 -42.91 1.13 36.62
C PRO C 92 -41.57 0.53 37.01
N GLY C 93 -40.61 1.41 37.29
CA GLY C 93 -39.28 0.97 37.66
C GLY C 93 -38.39 0.53 36.52
N LEU C 94 -38.82 0.72 35.27
CA LEU C 94 -37.98 0.32 34.15
C LEU C 94 -36.70 1.15 34.09
N ALA C 95 -36.79 2.44 34.42
CA ALA C 95 -35.60 3.28 34.41
C ALA C 95 -34.56 2.78 35.39
N GLU C 96 -35.01 2.35 36.58
CA GLU C 96 -34.09 1.75 37.54
C GLU C 96 -33.57 0.41 37.04
N ASN C 97 -34.31 -0.25 36.16
CA ASN C 97 -33.85 -1.51 35.60
C ASN C 97 -32.70 -1.28 34.62
N GLU C 98 -32.84 -0.30 33.73
CA GLU C 98 -31.77 -0.02 32.78
C GLU C 98 -30.51 0.44 33.49
N HIS C 99 -30.66 1.27 34.52
CA HIS C 99 -29.51 1.79 35.25
C HIS C 99 -28.71 0.67 35.90
N ALA C 100 -29.40 -0.25 36.57
CA ALA C 100 -28.73 -1.38 37.21
C ALA C 100 -27.99 -2.21 36.17
N THR C 101 -28.68 -2.59 35.09
CA THR C 101 -28.07 -3.39 34.04
C THR C 101 -26.89 -2.65 33.41
N MET C 102 -27.09 -1.38 33.05
CA MET C 102 -26.03 -0.60 32.40
C MET C 102 -24.84 -0.37 33.32
N THR C 103 -25.09 -0.12 34.61
CA THR C 103 -23.99 0.00 35.56
C THR C 103 -23.20 -1.31 35.64
N LEU C 104 -23.93 -2.44 35.65
CA LEU C 104 -23.28 -3.74 35.66
C LEU C 104 -22.40 -3.93 34.42
N MET C 105 -22.96 -3.64 33.24
CA MET C 105 -22.18 -3.78 32.01
C MET C 105 -20.94 -2.90 32.05
N SER C 106 -21.05 -1.72 32.66
CA SER C 106 -19.89 -0.85 32.81
C SER C 106 -18.87 -1.46 33.76
N ARG C 107 -19.34 -2.09 34.85
CA ARG C 107 -18.43 -2.70 35.81
C ARG C 107 -17.75 -3.94 35.23
N LEU C 108 -18.40 -4.61 34.28
CA LEU C 108 -17.82 -5.79 33.62
C LEU C 108 -16.86 -5.43 32.51
N GLY C 109 -16.56 -4.15 32.31
CA GLY C 109 -15.53 -3.73 31.38
C GLY C 109 -15.99 -3.45 29.97
N PHE C 110 -17.30 -3.42 29.71
CA PHE C 110 -17.77 -3.09 28.38
C PHE C 110 -17.71 -1.58 28.15
N ASP C 111 -17.69 -1.20 26.88
CA ASP C 111 -17.76 0.20 26.49
C ASP C 111 -19.19 0.70 26.68
N VAL C 112 -19.42 1.49 27.73
CA VAL C 112 -20.76 1.98 28.04
C VAL C 112 -20.74 3.49 28.20
N PRO C 113 -21.65 4.22 27.58
CA PRO C 113 -21.73 5.66 27.79
C PRO C 113 -22.10 5.99 29.23
N VAL C 114 -21.64 7.16 29.70
CA VAL C 114 -21.94 7.57 31.06
C VAL C 114 -23.45 7.79 31.20
N HIS C 115 -23.97 7.51 32.40
CA HIS C 115 -25.41 7.39 32.59
C HIS C 115 -25.70 7.46 34.08
N GLY C 116 -26.99 7.58 34.40
CA GLY C 116 -27.40 7.60 35.79
C GLY C 116 -28.88 7.82 35.94
N LEU C 117 -29.29 8.05 37.20
CA LEU C 117 -30.68 8.31 37.59
C LEU C 117 -30.85 9.77 37.99
N LEU C 118 -31.84 10.43 37.39
CA LEU C 118 -32.22 11.78 37.75
C LEU C 118 -33.67 11.80 38.21
N SER C 119 -34.01 12.81 39.01
CA SER C 119 -35.33 12.91 39.62
C SER C 119 -36.14 14.01 38.97
N PHE C 120 -37.41 13.71 38.68
CA PHE C 120 -38.33 14.70 38.17
C PHE C 120 -38.71 15.69 39.28
N ALA C 121 -38.98 16.92 38.89
CA ALA C 121 -39.54 17.87 39.82
C ALA C 121 -40.94 17.42 40.22
N PRO C 122 -41.26 17.35 41.52
CA PRO C 122 -42.56 16.81 41.94
C PRO C 122 -43.68 17.81 41.70
N GLN C 123 -44.92 17.32 41.83
CA GLN C 123 -46.10 18.16 41.71
C GLN C 123 -46.61 18.63 43.07
N SER C 124 -46.75 17.72 44.04
CA SER C 124 -47.21 18.11 45.37
C SER C 124 -46.86 17.05 46.42
N GLU C 125 -45.62 17.08 46.91
CA GLU C 125 -45.18 16.29 48.06
C GLU C 125 -45.42 14.80 47.86
N GLU C 126 -45.28 14.31 46.63
CA GLU C 126 -45.46 12.89 46.34
C GLU C 126 -44.10 12.21 46.22
N GLU C 127 -44.16 10.89 46.00
CA GLU C 127 -42.95 10.09 45.75
C GLU C 127 -42.13 10.71 44.64
N LEU C 128 -40.84 10.90 44.90
CA LEU C 128 -39.94 11.33 43.83
C LEU C 128 -39.85 10.26 42.76
N GLU C 129 -39.98 10.67 41.50
CA GLU C 129 -39.92 9.77 40.36
C GLU C 129 -38.59 9.95 39.66
N TYR C 130 -37.93 8.83 39.33
CA TYR C 130 -36.62 8.86 38.72
C TYR C 130 -36.69 8.35 37.29
N ALA C 131 -35.80 8.90 36.46
CA ALA C 131 -35.68 8.52 35.06
C ALA C 131 -34.22 8.24 34.74
N PHE C 132 -34.01 7.49 33.67
CA PHE C 132 -32.67 7.13 33.23
C PHE C 132 -32.15 8.17 32.26
N VAL C 133 -30.95 8.67 32.52
CA VAL C 133 -30.28 9.63 31.63
C VAL C 133 -28.98 9.00 31.16
N ILE C 134 -28.58 9.34 29.93
CA ILE C 134 -27.41 8.73 29.33
C ILE C 134 -26.83 9.69 28.28
N ARG C 135 -25.50 9.77 28.26
CA ARG C 135 -24.79 10.60 27.30
C ARG C 135 -24.80 9.96 25.93
N ARG C 136 -25.05 10.76 24.90
CA ARG C 136 -25.05 10.26 23.54
C ARG C 136 -23.63 9.92 23.10
N TYR C 137 -23.48 8.77 22.44
CA TYR C 137 -22.18 8.33 21.96
C TYR C 137 -21.82 8.91 20.59
N ASP C 138 -22.79 9.48 19.87
CA ASP C 138 -22.49 10.18 18.61
C ASP C 138 -22.12 11.63 18.85
N ARG C 139 -21.34 11.88 19.90
CA ARG C 139 -20.79 13.18 20.23
C ARG C 139 -19.36 12.98 20.69
N ASP C 140 -18.49 13.94 20.40
CA ASP C 140 -17.12 13.86 20.89
C ASP C 140 -16.98 14.73 22.14
N ASN C 141 -15.73 15.01 22.54
CA ASN C 141 -15.49 15.85 23.69
C ASN C 141 -16.03 17.26 23.48
N LYS C 142 -15.83 17.81 22.29
CA LYS C 142 -16.33 19.13 21.94
C LYS C 142 -17.83 19.13 21.63
N GLY C 143 -18.49 17.98 21.71
CA GLY C 143 -19.91 17.92 21.42
C GLY C 143 -20.26 18.04 19.95
N LEU C 144 -19.33 17.68 19.07
CA LEU C 144 -19.52 17.73 17.62
C LEU C 144 -20.01 16.39 17.10
N PRO C 145 -20.92 16.41 16.12
CA PRO C 145 -21.55 15.16 15.68
C PRO C 145 -20.54 14.18 15.10
N VAL C 146 -20.60 12.95 15.59
CA VAL C 146 -19.84 11.82 15.05
C VAL C 146 -20.82 10.93 14.31
N HIS C 147 -20.46 10.53 13.09
CA HIS C 147 -21.36 9.74 12.28
C HIS C 147 -21.46 8.31 12.80
N GLN C 148 -22.66 7.75 12.70
CA GLN C 148 -22.92 6.39 13.15
C GLN C 148 -24.05 5.82 12.32
N GLU C 149 -24.38 4.55 12.56
CA GLU C 149 -25.40 3.87 11.79
C GLU C 149 -25.74 2.56 12.46
N GLN C 150 -27.03 2.22 12.49
CA GLN C 150 -27.50 1.01 13.15
C GLN C 150 -27.38 -0.20 12.22
N LEU C 151 -27.32 -1.38 12.83
CA LEU C 151 -26.93 -2.57 12.09
C LEU C 151 -27.99 -3.01 11.08
N ASP C 152 -29.27 -2.86 11.43
CA ASP C 152 -30.33 -3.31 10.52
C ASP C 152 -30.21 -2.63 9.17
N GLY C 153 -29.93 -1.32 9.16
CA GLY C 153 -29.77 -0.61 7.90
C GLY C 153 -28.49 -0.98 7.19
N ALA C 154 -27.42 -1.22 7.95
CA ALA C 154 -26.14 -1.61 7.35
C ALA C 154 -26.27 -2.93 6.60
N MET C 155 -26.84 -3.94 7.25
CA MET C 155 -27.05 -5.25 6.62
C MET C 155 -28.21 -5.25 5.63
N GLN C 156 -28.86 -4.11 5.43
CA GLN C 156 -29.99 -3.99 4.51
C GLN C 156 -31.13 -4.93 4.90
N ILE C 157 -31.40 -5.02 6.21
CA ILE C 157 -32.49 -5.83 6.73
C ILE C 157 -33.64 -4.90 7.10
N THR C 158 -34.83 -5.19 6.57
CA THR C 158 -35.96 -4.29 6.71
C THR C 158 -36.70 -4.42 8.03
N ASP C 159 -36.34 -5.38 8.88
CA ASP C 159 -36.93 -5.54 10.19
C ASP C 159 -35.84 -5.75 11.23
N LYS C 160 -36.01 -5.14 12.41
CA LYS C 160 -34.96 -5.21 13.42
C LYS C 160 -34.79 -6.61 13.98
N TYR C 161 -35.80 -7.48 13.85
CA TYR C 161 -35.69 -8.86 14.30
C TYR C 161 -35.39 -9.83 13.16
N GLY C 162 -35.30 -9.34 11.94
CA GLY C 162 -35.05 -10.21 10.80
C GLY C 162 -36.25 -10.97 10.30
N LYS C 163 -37.45 -10.65 10.77
CA LYS C 163 -38.67 -11.24 10.23
C LYS C 163 -38.93 -10.68 8.84
N THR C 164 -38.08 -11.02 7.88
CA THR C 164 -38.07 -10.41 6.56
C THR C 164 -38.86 -11.20 5.53
N GLY C 165 -39.62 -12.20 5.96
CA GLY C 165 -40.62 -12.83 5.13
C GLY C 165 -41.97 -12.83 5.85
N ASN C 166 -42.94 -13.49 5.24
CA ASN C 166 -44.23 -13.71 5.89
C ASN C 166 -44.33 -15.09 6.53
N ASP C 167 -43.17 -15.71 6.82
CA ASP C 167 -43.18 -16.84 7.74
C ASP C 167 -43.42 -16.38 9.16
N ASN C 168 -43.08 -15.12 9.46
CA ASN C 168 -42.89 -14.55 10.79
C ASN C 168 -41.60 -15.11 11.41
N GLU C 169 -40.94 -16.05 10.74
CA GLU C 169 -39.66 -16.57 11.19
C GLU C 169 -38.57 -15.49 11.16
N GLN C 170 -37.57 -15.67 12.01
CA GLN C 170 -36.40 -14.80 12.03
C GLN C 170 -35.36 -15.31 11.03
N TYR C 171 -34.82 -14.41 10.21
CA TYR C 171 -33.91 -14.80 9.14
C TYR C 171 -32.52 -14.21 9.28
N VAL C 172 -32.16 -13.69 10.45
CA VAL C 172 -30.79 -13.26 10.72
C VAL C 172 -30.47 -13.60 12.17
N SER C 173 -29.23 -14.04 12.41
CA SER C 173 -28.82 -14.60 13.69
C SER C 173 -27.61 -13.85 14.23
N TYR C 174 -27.32 -14.08 15.52
CA TYR C 174 -26.13 -13.48 16.12
C TYR C 174 -24.85 -14.02 15.50
N GLU C 175 -24.85 -15.29 15.08
CA GLU C 175 -23.69 -15.82 14.36
C GLU C 175 -23.49 -15.07 13.05
N THR C 176 -24.58 -14.85 12.31
CA THR C 176 -24.48 -14.13 11.04
C THR C 176 -24.18 -12.65 11.26
N LEU C 177 -24.71 -12.05 12.33
CA LEU C 177 -24.40 -10.66 12.65
C LEU C 177 -22.91 -10.47 12.87
N ALA C 178 -22.30 -11.36 13.66
CA ALA C 178 -20.86 -11.25 13.92
C ALA C 178 -20.05 -11.46 12.66
N ARG C 179 -20.47 -12.39 11.80
CA ARG C 179 -19.77 -12.60 10.53
C ARG C 179 -19.84 -11.36 9.65
N PHE C 180 -20.98 -10.67 9.66
CA PHE C 180 -21.09 -9.41 8.93
C PHE C 180 -20.21 -8.33 9.54
N LEU C 181 -20.09 -8.32 10.87
CA LEU C 181 -19.34 -7.26 11.53
C LEU C 181 -17.85 -7.34 11.21
N VAL C 182 -17.24 -8.51 11.39
CA VAL C 182 -15.82 -8.67 11.10
C VAL C 182 -15.50 -8.39 9.64
N ALA C 183 -16.51 -8.44 8.76
CA ALA C 183 -16.29 -8.11 7.36
C ALA C 183 -16.04 -6.62 7.15
N HIS C 184 -16.48 -5.77 8.07
CA HIS C 184 -16.42 -4.33 7.88
C HIS C 184 -15.71 -3.56 9.00
N VAL C 185 -15.41 -4.19 10.13
CA VAL C 185 -14.58 -3.54 11.14
C VAL C 185 -13.23 -4.22 11.13
N ASN C 186 -12.35 -3.85 12.06
CA ASN C 186 -11.07 -4.52 12.20
C ASN C 186 -11.25 -5.76 13.06
N ASP C 187 -10.73 -6.89 12.56
CA ASP C 187 -10.98 -8.19 13.19
C ASP C 187 -9.96 -8.54 14.26
N ASN C 188 -9.51 -7.59 15.06
CA ASN C 188 -8.60 -7.92 16.15
C ASN C 188 -9.32 -8.78 17.17
N ILE C 189 -8.55 -9.63 17.86
CA ILE C 189 -9.13 -10.55 18.84
C ILE C 189 -9.83 -9.79 19.96
N ALA C 190 -9.38 -8.56 20.24
CA ALA C 190 -10.03 -7.76 21.27
C ALA C 190 -11.47 -7.44 20.89
N PHE C 191 -11.70 -7.12 19.61
CA PHE C 191 -13.05 -6.86 19.16
C PHE C 191 -13.93 -8.09 19.26
N LYS C 192 -13.40 -9.25 18.84
CA LYS C 192 -14.20 -10.47 18.83
C LYS C 192 -14.57 -10.89 20.25
N ILE C 193 -13.65 -10.76 21.19
CA ILE C 193 -13.93 -11.17 22.57
C ILE C 193 -15.00 -10.27 23.17
N ASP C 194 -14.92 -8.96 22.94
CA ASP C 194 -15.95 -8.05 23.44
C ASP C 194 -17.32 -8.39 22.86
N LEU C 195 -17.38 -8.61 21.55
CA LEU C 195 -18.66 -8.94 20.90
C LEU C 195 -19.21 -10.25 21.46
N PHE C 196 -18.37 -11.27 21.58
CA PHE C 196 -18.83 -12.56 22.09
C PHE C 196 -19.34 -12.43 23.51
N ARG C 197 -18.71 -11.58 24.33
CA ARG C 197 -19.18 -11.40 25.70
C ARG C 197 -20.46 -10.58 25.76
N ARG C 198 -20.65 -9.66 24.80
CA ARG C 198 -21.92 -8.93 24.71
C ARG C 198 -23.09 -9.88 24.54
N ILE C 199 -22.94 -10.87 23.66
CA ILE C 199 -24.02 -11.77 23.35
C ILE C 199 -24.28 -12.73 24.50
N VAL C 200 -23.21 -13.22 25.13
CA VAL C 200 -23.35 -14.14 26.25
C VAL C 200 -24.01 -13.45 27.44
N TYR C 201 -23.67 -12.18 27.68
CA TYR C 201 -24.25 -11.47 28.82
C TYR C 201 -25.67 -11.01 28.54
N ALA C 202 -26.01 -10.72 27.29
CA ALA C 202 -27.42 -10.49 26.95
C ALA C 202 -28.26 -11.70 27.32
N TRP C 203 -27.75 -12.90 27.04
CA TRP C 203 -28.45 -14.12 27.41
C TRP C 203 -28.45 -14.31 28.93
N LEU C 204 -27.29 -14.11 29.58
CA LEU C 204 -27.18 -14.35 31.01
C LEU C 204 -28.11 -13.43 31.80
N LEU C 205 -28.17 -12.16 31.43
CA LEU C 205 -28.92 -11.16 32.21
C LEU C 205 -30.38 -11.06 31.80
N GLY C 206 -30.81 -11.79 30.78
CA GLY C 206 -32.19 -11.74 30.36
C GLY C 206 -32.52 -10.67 29.35
N ASN C 207 -31.55 -10.22 28.56
CA ASN C 207 -31.78 -9.22 27.51
C ASN C 207 -32.14 -9.95 26.22
N ASN C 208 -33.41 -10.34 26.12
CA ASN C 208 -33.91 -10.93 24.89
C ASN C 208 -34.36 -9.89 23.87
N ASP C 209 -33.82 -8.67 23.96
CA ASP C 209 -34.20 -7.59 23.07
C ASP C 209 -32.98 -6.91 22.45
N MET C 210 -31.88 -7.66 22.30
CA MET C 210 -30.70 -7.16 21.59
C MET C 210 -30.93 -7.39 20.10
N HIS C 211 -31.82 -6.58 19.52
CA HIS C 211 -32.14 -6.67 18.11
C HIS C 211 -31.12 -5.88 17.30
N LEU C 212 -31.36 -5.75 15.99
CA LEU C 212 -30.36 -5.22 15.08
C LEU C 212 -30.15 -3.72 15.24
N ARG C 213 -31.09 -3.01 15.87
CA ARG C 213 -30.96 -1.57 16.07
C ARG C 213 -30.35 -1.23 17.42
N ASN C 214 -30.09 -2.23 18.26
CA ASN C 214 -29.30 -2.07 19.46
C ASN C 214 -27.83 -2.40 19.21
N PHE C 215 -27.45 -2.60 17.95
CA PHE C 215 -26.07 -2.64 17.51
C PHE C 215 -25.82 -1.42 16.63
N GLY C 216 -24.61 -0.85 16.73
CA GLY C 216 -24.29 0.34 15.96
C GLY C 216 -22.85 0.33 15.49
N LEU C 217 -22.60 1.09 14.44
CA LEU C 217 -21.27 1.31 13.88
C LEU C 217 -20.91 2.77 14.04
N VAL C 218 -19.75 3.04 14.62
CA VAL C 218 -19.26 4.41 14.82
C VAL C 218 -18.11 4.64 13.85
N TYR C 219 -18.14 5.78 13.15
CA TYR C 219 -17.12 6.16 12.19
C TYR C 219 -16.26 7.26 12.82
N SER C 220 -15.35 6.84 13.70
CA SER C 220 -14.43 7.78 14.35
C SER C 220 -13.06 7.81 13.69
N ASP C 221 -12.45 6.64 13.48
CA ASP C 221 -11.12 6.55 12.88
C ASP C 221 -11.24 6.60 11.36
N GLY C 222 -11.56 7.80 10.86
CA GLY C 222 -11.67 8.03 9.43
C GLY C 222 -12.64 7.12 8.73
N LEU C 223 -12.12 6.21 7.90
CA LEU C 223 -12.94 5.27 7.16
C LEU C 223 -13.27 4.03 7.99
N THR C 224 -12.30 3.52 8.74
CA THR C 224 -12.49 2.31 9.54
C THR C 224 -13.63 2.50 10.54
N PRO C 225 -14.70 1.72 10.46
CA PRO C 225 -15.74 1.80 11.47
C PRO C 225 -15.39 0.94 12.67
N ALA C 226 -16.01 1.28 13.80
CA ALA C 226 -15.87 0.52 15.03
C ALA C 226 -17.26 0.24 15.59
N LEU C 227 -17.36 -0.86 16.35
CA LEU C 227 -18.63 -1.21 16.98
C LEU C 227 -19.00 -0.14 18.00
N ALA C 228 -20.27 0.27 17.97
CA ALA C 228 -20.75 1.29 18.90
C ALA C 228 -20.68 0.78 20.34
N PRO C 229 -20.73 1.69 21.32
CA PRO C 229 -20.78 1.24 22.71
C PRO C 229 -22.06 0.46 23.00
N VAL C 230 -22.08 -0.17 24.17
CA VAL C 230 -23.27 -0.86 24.61
C VAL C 230 -24.35 0.15 24.98
N TYR C 231 -25.56 -0.06 24.47
CA TYR C 231 -26.69 0.76 24.85
C TYR C 231 -27.95 -0.11 24.80
N GLN C 232 -28.96 0.32 25.53
CA GLN C 232 -30.28 -0.34 25.55
C GLN C 232 -30.16 -1.77 26.07
N PHE C 233 -29.41 -1.95 27.15
CA PHE C 233 -29.31 -3.23 27.85
C PHE C 233 -30.24 -3.18 29.05
N VAL C 234 -31.36 -3.90 28.98
CA VAL C 234 -32.29 -4.02 30.09
C VAL C 234 -32.54 -5.51 30.32
N SER C 235 -32.85 -5.86 31.56
CA SER C 235 -33.20 -7.22 31.90
C SER C 235 -34.70 -7.39 31.79
N VAL C 236 -35.14 -8.35 30.97
CA VAL C 236 -36.57 -8.61 30.77
C VAL C 236 -37.10 -9.63 31.78
N ALA C 237 -36.22 -10.24 32.57
CA ALA C 237 -36.64 -11.24 33.54
C ALA C 237 -37.77 -10.81 34.48
N PRO C 238 -37.84 -9.57 34.98
CA PRO C 238 -38.97 -9.19 35.85
C PRO C 238 -40.33 -9.25 35.17
N TYR C 239 -40.39 -9.34 33.85
CA TYR C 239 -41.65 -9.23 33.10
C TYR C 239 -41.90 -10.53 32.35
N PRO C 240 -42.72 -11.44 32.89
CA PRO C 240 -42.77 -12.81 32.33
C PRO C 240 -43.39 -12.89 30.94
N GLU C 241 -44.47 -12.16 30.67
CA GLU C 241 -45.11 -12.23 29.36
C GLU C 241 -44.13 -11.93 28.23
N TYR C 242 -43.16 -11.05 28.48
CA TYR C 242 -42.14 -10.73 27.49
C TYR C 242 -40.92 -11.63 27.60
N PHE C 243 -40.65 -12.15 28.80
CA PHE C 243 -39.41 -12.91 29.02
C PHE C 243 -39.49 -14.29 28.40
N TYR C 244 -40.66 -14.92 28.36
CA TYR C 244 -40.82 -16.23 27.76
C TYR C 244 -41.17 -16.17 26.29
N SER C 245 -41.15 -14.98 25.68
CA SER C 245 -41.33 -14.87 24.25
C SER C 245 -40.13 -15.46 23.51
N ASN C 246 -38.93 -15.13 23.94
CA ASN C 246 -37.71 -15.59 23.31
C ASN C 246 -36.63 -15.72 24.37
N TYR C 247 -35.64 -16.59 24.09
CA TYR C 247 -34.43 -16.60 24.90
C TYR C 247 -33.50 -15.47 24.51
N LEU C 248 -33.52 -15.08 23.24
CA LEU C 248 -32.75 -13.94 22.74
C LEU C 248 -33.54 -13.27 21.62
N ALA C 249 -33.18 -12.02 21.31
CA ALA C 249 -33.89 -11.29 20.26
C ALA C 249 -33.77 -11.99 18.92
N LEU C 250 -32.59 -12.46 18.58
CA LEU C 250 -32.31 -13.13 17.32
C LEU C 250 -31.91 -14.58 17.60
N PRO C 251 -32.03 -15.47 16.62
CA PRO C 251 -31.47 -16.82 16.78
C PRO C 251 -29.96 -16.74 17.03
N LEU C 252 -29.45 -17.71 17.76
CA LEU C 252 -28.04 -17.66 18.12
C LEU C 252 -27.15 -18.11 16.97
N LEU C 253 -27.44 -19.27 16.40
CA LEU C 253 -26.61 -19.86 15.36
C LEU C 253 -27.26 -19.73 13.99
N THR C 254 -26.42 -19.61 12.97
CA THR C 254 -26.91 -19.46 11.60
C THR C 254 -27.72 -20.66 11.17
N ARG C 255 -27.45 -21.83 11.75
CA ARG C 255 -28.22 -23.02 11.41
C ARG C 255 -29.70 -22.89 11.78
N GLU C 256 -30.04 -22.01 12.73
CA GLU C 256 -31.43 -21.80 13.11
C GLU C 256 -32.13 -20.74 12.26
N GLU C 257 -31.44 -20.11 11.32
CA GLU C 257 -32.04 -19.01 10.56
C GLU C 257 -33.28 -19.50 9.81
N GLY C 258 -34.39 -18.81 10.02
CA GLY C 258 -35.64 -19.21 9.40
C GLY C 258 -36.25 -20.47 9.95
N GLY C 259 -35.69 -21.03 11.03
CA GLY C 259 -36.23 -22.23 11.63
C GLY C 259 -35.88 -23.52 10.91
N ARG C 260 -34.90 -23.51 10.01
CA ARG C 260 -34.53 -24.72 9.29
C ARG C 260 -34.00 -25.80 10.22
N GLU C 261 -33.29 -25.41 11.28
CA GLU C 261 -32.61 -26.36 12.14
C GLU C 261 -32.64 -25.85 13.57
N LEU C 262 -32.30 -26.71 14.51
CA LEU C 262 -32.29 -26.40 15.93
C LEU C 262 -30.87 -26.32 16.45
N ALA C 263 -30.66 -25.45 17.45
CA ALA C 263 -29.38 -25.42 18.13
C ALA C 263 -29.20 -26.69 18.96
N PRO C 264 -27.96 -27.17 19.11
CA PRO C 264 -27.74 -28.42 19.85
C PRO C 264 -28.33 -28.42 21.24
N GLY C 265 -28.32 -27.27 21.93
CA GLY C 265 -28.90 -27.20 23.27
C GLY C 265 -30.37 -27.53 23.29
N PHE C 266 -31.09 -27.24 22.20
CA PHE C 266 -32.52 -27.56 22.13
C PHE C 266 -32.74 -29.04 21.91
N HIS C 267 -31.79 -29.74 21.31
CA HIS C 267 -31.91 -31.19 21.16
C HIS C 267 -31.46 -31.93 22.41
N SER C 268 -30.70 -31.28 23.28
CA SER C 268 -30.28 -31.89 24.54
C SER C 268 -31.46 -31.95 25.51
N ASP C 269 -31.22 -32.57 26.67
CA ASP C 269 -32.26 -32.69 27.68
C ASP C 269 -32.56 -31.39 28.42
N TYR C 270 -31.80 -30.33 28.16
CA TYR C 270 -32.04 -29.06 28.84
C TYR C 270 -33.04 -28.19 28.10
N GLY C 271 -33.23 -28.39 26.81
CA GLY C 271 -34.32 -27.76 26.09
C GLY C 271 -34.17 -26.29 25.78
N GLU C 272 -33.03 -25.68 26.10
CA GLU C 272 -32.77 -24.29 25.78
C GLU C 272 -31.31 -24.16 25.38
N TYR C 273 -30.85 -22.92 25.19
CA TYR C 273 -29.44 -22.70 24.90
C TYR C 273 -28.60 -23.11 26.11
N ILE C 274 -27.48 -23.78 25.83
CA ILE C 274 -26.57 -24.20 26.89
C ILE C 274 -25.15 -23.80 26.53
N GLY C 275 -24.17 -24.29 27.28
CA GLY C 275 -22.79 -23.88 27.07
C GLY C 275 -22.27 -24.27 25.69
N GLN C 276 -22.66 -25.44 25.21
CA GLN C 276 -22.24 -25.88 23.88
C GLN C 276 -22.64 -24.87 22.81
N ASP C 277 -23.83 -24.29 22.93
CA ASP C 277 -24.33 -23.38 21.91
C ASP C 277 -23.43 -22.16 21.76
N PHE C 278 -22.90 -21.66 22.88
CA PHE C 278 -22.05 -20.48 22.83
C PHE C 278 -20.62 -20.83 22.45
N LEU C 279 -20.20 -22.08 22.68
CA LEU C 279 -18.93 -22.50 22.09
C LEU C 279 -19.02 -22.47 20.57
N LEU C 280 -20.06 -23.08 20.00
CA LEU C 280 -20.24 -23.06 18.56
C LEU C 280 -20.31 -21.64 18.01
N LEU C 281 -20.85 -20.70 18.80
CA LEU C 281 -20.86 -19.30 18.37
C LEU C 281 -19.45 -18.73 18.34
N GLY C 282 -18.73 -18.82 19.46
CA GLY C 282 -17.37 -18.31 19.50
C GLY C 282 -16.43 -19.07 18.58
N GLU C 283 -16.65 -20.39 18.46
CA GLU C 283 -15.81 -21.22 17.60
C GLU C 283 -16.09 -20.93 16.12
N SER C 284 -17.17 -20.21 15.83
CA SER C 284 -17.43 -19.70 14.48
C SER C 284 -16.83 -18.31 14.26
N MET C 285 -16.55 -17.56 15.33
CA MET C 285 -15.88 -16.27 15.22
C MET C 285 -14.36 -16.40 15.20
N GLY C 286 -13.82 -17.62 15.26
CA GLY C 286 -12.39 -17.82 15.22
C GLY C 286 -11.72 -17.89 16.57
N LEU C 287 -12.48 -17.89 17.66
CA LEU C 287 -11.89 -18.00 18.99
C LEU C 287 -11.41 -19.42 19.23
N ALA C 288 -10.15 -19.55 19.62
CA ALA C 288 -9.58 -20.88 19.88
C ALA C 288 -10.23 -21.50 21.12
N PRO C 289 -10.30 -22.84 21.17
CA PRO C 289 -11.00 -23.48 22.30
C PRO C 289 -10.37 -23.17 23.67
N ARG C 290 -9.05 -23.19 23.79
CA ARG C 290 -8.43 -22.85 25.07
C ARG C 290 -8.78 -21.43 25.49
N LEU C 291 -8.94 -20.51 24.53
CA LEU C 291 -9.38 -19.17 24.87
C LEU C 291 -10.84 -19.16 25.32
N LEU C 292 -11.69 -19.93 24.64
CA LEU C 292 -13.10 -19.97 25.01
C LEU C 292 -13.29 -20.61 26.39
N GLU C 293 -12.46 -21.60 26.71
CA GLU C 293 -12.48 -22.18 28.05
C GLU C 293 -12.12 -21.12 29.10
N LYS C 294 -11.13 -20.29 28.81
CA LYS C 294 -10.78 -19.20 29.71
C LYS C 294 -11.88 -18.14 29.77
N LEU C 295 -12.47 -17.81 28.62
CA LEU C 295 -13.51 -16.79 28.59
C LEU C 295 -14.71 -17.21 29.44
N PHE C 296 -15.04 -18.50 29.44
CA PHE C 296 -16.11 -18.99 30.29
C PHE C 296 -15.75 -18.88 31.75
N GLN C 297 -14.49 -19.15 32.10
CA GLN C 297 -14.07 -19.07 33.49
C GLN C 297 -14.15 -17.64 34.00
N ASP C 298 -13.76 -16.67 33.17
CA ASP C 298 -13.87 -15.26 33.60
C ASP C 298 -15.31 -14.85 33.83
N ILE C 299 -16.25 -15.43 33.10
CA ILE C 299 -17.65 -15.10 33.29
C ILE C 299 -18.15 -15.68 34.61
N ARG C 300 -17.64 -16.85 35.00
CA ARG C 300 -18.03 -17.44 36.26
C ARG C 300 -17.52 -16.63 37.45
N LYS C 301 -16.28 -16.12 37.36
CA LYS C 301 -15.71 -15.34 38.44
C LYS C 301 -16.27 -13.94 38.54
N GLU C 302 -16.94 -13.47 37.49
CA GLU C 302 -17.63 -12.18 37.51
C GLU C 302 -19.00 -12.26 38.16
N ASN C 303 -19.42 -13.44 38.61
CA ASN C 303 -20.72 -13.57 39.27
C ASN C 303 -20.77 -12.77 40.56
N ALA C 304 -19.62 -12.54 41.20
CA ALA C 304 -19.58 -11.68 42.37
C ALA C 304 -20.01 -10.26 42.02
N ILE C 305 -19.63 -9.78 40.84
CA ILE C 305 -19.99 -8.43 40.44
C ILE C 305 -21.48 -8.35 40.11
N VAL C 306 -22.02 -9.39 39.46
CA VAL C 306 -23.41 -9.37 39.01
C VAL C 306 -24.36 -9.36 40.20
N MET C 307 -24.16 -10.28 41.15
CA MET C 307 -24.90 -10.27 42.39
C MET C 307 -24.84 -8.90 43.06
N GLU C 308 -23.61 -8.42 43.28
CA GLU C 308 -23.39 -7.20 44.04
C GLU C 308 -24.05 -5.99 43.38
N THR C 309 -23.88 -5.84 42.06
CA THR C 309 -24.40 -4.66 41.38
C THR C 309 -25.93 -4.62 41.46
N TYR C 310 -26.59 -5.76 41.22
CA TYR C 310 -28.04 -5.75 41.21
C TYR C 310 -28.62 -5.59 42.62
N GLU C 311 -28.02 -6.27 43.60
CA GLU C 311 -28.56 -6.24 44.95
C GLU C 311 -28.48 -4.85 45.56
N GLN C 312 -27.48 -4.05 45.19
CA GLN C 312 -27.33 -2.70 45.69
C GLN C 312 -27.97 -1.66 44.77
N SER C 313 -28.65 -2.09 43.71
CA SER C 313 -29.29 -1.18 42.78
C SER C 313 -30.57 -0.60 43.37
N PHE C 314 -31.26 0.23 42.58
CA PHE C 314 -32.45 0.92 43.03
C PHE C 314 -33.74 0.28 42.51
N MET C 315 -33.71 -1.02 42.24
CA MET C 315 -34.88 -1.72 41.76
C MET C 315 -35.66 -2.28 42.95
N THR C 316 -36.92 -2.62 42.70
CA THR C 316 -37.71 -3.31 43.71
C THR C 316 -37.11 -4.69 43.98
N GLN C 317 -37.22 -5.13 45.23
CA GLN C 317 -36.58 -6.39 45.62
C GLN C 317 -37.16 -7.57 44.84
N ASP C 318 -38.44 -7.48 44.45
CA ASP C 318 -39.01 -8.54 43.63
C ASP C 318 -38.40 -8.57 42.23
N HIS C 319 -38.07 -7.39 41.70
CA HIS C 319 -37.44 -7.33 40.38
C HIS C 319 -36.02 -7.87 40.43
N ILE C 320 -35.25 -7.47 41.45
CA ILE C 320 -33.88 -7.97 41.60
C ILE C 320 -33.88 -9.49 41.71
N GLN C 321 -34.82 -10.04 42.47
CA GLN C 321 -34.85 -11.49 42.66
C GLN C 321 -35.17 -12.20 41.35
N ALA C 322 -36.05 -11.63 40.53
CA ALA C 322 -36.37 -12.22 39.24
C ALA C 322 -35.14 -12.29 38.35
N VAL C 323 -34.36 -11.21 38.32
CA VAL C 323 -33.17 -11.17 37.46
C VAL C 323 -32.14 -12.18 37.94
N LEU C 324 -32.05 -12.41 39.25
CA LEU C 324 -30.97 -13.24 39.77
C LEU C 324 -31.25 -14.73 39.67
N GLN C 325 -32.51 -15.17 39.49
CA GLN C 325 -32.68 -16.56 39.09
C GLN C 325 -32.34 -16.74 37.61
N CYS C 326 -32.70 -15.77 36.78
CA CYS C 326 -32.33 -15.83 35.37
C CYS C 326 -30.82 -15.95 35.23
N TYR C 327 -30.08 -15.12 35.95
CA TYR C 327 -28.62 -15.17 35.88
C TYR C 327 -28.10 -16.49 36.45
N ARG C 328 -28.58 -16.87 37.64
CA ARG C 328 -28.04 -18.07 38.28
C ARG C 328 -28.39 -19.34 37.51
N HIS C 329 -29.58 -19.40 36.92
CA HIS C 329 -29.97 -20.57 36.13
C HIS C 329 -29.14 -20.68 34.87
N ARG C 330 -29.04 -19.59 34.11
CA ARG C 330 -28.33 -19.65 32.83
C ARG C 330 -26.83 -19.76 33.02
N LEU C 331 -26.28 -19.15 34.07
CA LEU C 331 -24.85 -19.29 34.34
C LEU C 331 -24.47 -20.74 34.59
N GLY C 332 -25.38 -21.53 35.16
CA GLY C 332 -25.11 -22.95 35.33
C GLY C 332 -25.08 -23.68 34.01
N LEU C 333 -25.95 -23.30 33.07
CA LEU C 333 -26.01 -23.95 31.77
C LEU C 333 -24.73 -23.75 30.97
N LEU C 334 -23.91 -22.76 31.32
CA LEU C 334 -22.63 -22.54 30.66
C LEU C 334 -21.67 -23.70 30.88
N HIS C 335 -21.91 -24.52 31.90
CA HIS C 335 -21.03 -25.64 32.21
C HIS C 335 -21.21 -26.82 31.25
N HIS C 336 -22.37 -26.93 30.61
CA HIS C 336 -22.69 -28.11 29.79
C HIS C 336 -22.11 -27.89 28.39
N HIS C 337 -20.82 -28.20 28.27
CA HIS C 337 -20.09 -28.00 27.03
C HIS C 337 -19.36 -29.26 26.62
N HIS C 338 -18.43 -29.15 25.67
CA HIS C 338 -17.76 -30.31 25.09
C HIS C 338 -18.75 -31.29 24.49
N PRO D 37 1.41 -0.70 -6.84
CA PRO D 37 1.47 -2.16 -7.00
C PRO D 37 1.65 -2.86 -5.66
N LEU D 38 0.52 -3.14 -4.99
CA LEU D 38 0.50 -3.63 -3.63
C LEU D 38 -0.29 -4.92 -3.58
N LEU D 39 0.25 -5.93 -2.91
CA LEU D 39 -0.38 -7.25 -2.82
C LEU D 39 -0.39 -7.71 -1.37
N THR D 40 -1.58 -8.00 -0.85
CA THR D 40 -1.73 -8.38 0.56
C THR D 40 -1.48 -9.88 0.72
N ILE D 41 -0.55 -10.22 1.60
CA ILE D 41 -0.19 -11.62 1.84
C ILE D 41 -1.32 -12.31 2.58
N GLU D 42 -1.88 -13.37 1.98
CA GLU D 42 -3.01 -14.09 2.54
C GLU D 42 -2.58 -15.20 3.49
N THR D 43 -1.61 -16.00 3.08
CA THR D 43 -1.05 -17.08 3.88
C THR D 43 0.45 -17.07 3.70
N PRO D 44 1.20 -17.70 4.61
CA PRO D 44 2.65 -17.84 4.39
C PRO D 44 2.99 -18.51 3.05
N ARG D 45 2.23 -19.54 2.65
CA ARG D 45 2.43 -20.15 1.34
C ARG D 45 2.30 -19.12 0.23
N HIS D 46 1.38 -18.16 0.39
CA HIS D 46 1.23 -17.09 -0.59
C HIS D 46 2.53 -16.30 -0.75
N LEU D 47 3.14 -15.90 0.37
CA LEU D 47 4.39 -15.16 0.30
C LEU D 47 5.50 -16.00 -0.31
N GLY D 48 5.61 -17.26 0.10
CA GLY D 48 6.61 -18.14 -0.50
C GLY D 48 6.41 -18.30 -2.00
N GLU D 49 5.16 -18.38 -2.44
CA GLU D 49 4.89 -18.55 -3.87
C GLU D 49 5.22 -17.29 -4.65
N GLN D 50 4.94 -16.12 -4.09
CA GLN D 50 5.27 -14.87 -4.77
C GLN D 50 6.79 -14.68 -4.87
N LEU D 51 7.50 -14.94 -3.77
CA LEU D 51 8.95 -14.74 -3.76
C LEU D 51 9.64 -15.67 -4.76
N ASN D 52 9.22 -16.93 -4.80
CA ASN D 52 9.78 -17.85 -5.79
C ASN D 52 9.44 -17.41 -7.21
N ALA D 53 8.24 -16.88 -7.42
CA ALA D 53 7.90 -16.34 -8.73
C ALA D 53 8.76 -15.13 -9.06
N ARG D 54 8.97 -14.24 -8.07
CA ARG D 54 9.87 -13.10 -8.27
C ARG D 54 11.27 -13.56 -8.62
N ARG D 55 11.77 -14.55 -7.88
CA ARG D 55 13.12 -15.07 -8.11
C ARG D 55 13.31 -15.54 -9.54
N LYS D 56 12.32 -16.24 -10.09
CA LYS D 56 12.47 -16.81 -11.43
C LYS D 56 12.42 -15.72 -12.51
N GLU D 57 11.62 -14.67 -12.31
CA GLU D 57 11.58 -13.59 -13.28
C GLU D 57 12.86 -12.77 -13.29
N LEU D 58 13.63 -12.82 -12.21
CA LEU D 58 14.94 -12.18 -12.15
C LEU D 58 16.07 -13.08 -12.66
N GLY D 59 15.76 -14.35 -12.94
CA GLY D 59 16.78 -15.27 -13.43
C GLY D 59 17.75 -15.75 -12.38
N ILE D 60 17.42 -15.64 -11.10
CA ILE D 60 18.32 -16.01 -10.02
C ILE D 60 18.11 -17.46 -9.65
N ASP D 61 19.20 -18.23 -9.65
CA ASP D 61 19.16 -19.62 -9.19
C ASP D 61 19.29 -19.67 -7.68
N LEU D 62 19.02 -20.86 -7.13
CA LEU D 62 19.04 -21.04 -5.68
C LEU D 62 20.45 -20.94 -5.12
N TYR D 63 21.44 -21.48 -5.86
CA TYR D 63 22.82 -21.46 -5.39
C TYR D 63 23.33 -20.04 -5.16
N THR D 64 22.90 -19.11 -6.01
CA THR D 64 23.29 -17.71 -5.81
C THR D 64 22.67 -17.15 -4.52
N LEU D 65 21.42 -17.52 -4.24
CA LEU D 65 20.80 -17.08 -3.00
C LEU D 65 21.49 -17.68 -1.79
N GLU D 66 21.90 -18.94 -1.87
CA GLU D 66 22.64 -19.56 -0.78
C GLU D 66 23.96 -18.84 -0.53
N LEU D 67 24.68 -18.50 -1.59
CA LEU D 67 25.96 -17.82 -1.43
C LEU D 67 25.77 -16.42 -0.87
N GLN D 68 24.75 -15.70 -1.33
CA GLN D 68 24.55 -14.32 -0.88
C GLN D 68 23.96 -14.27 0.53
N THR D 69 22.95 -15.08 0.80
CA THR D 69 22.22 -14.99 2.05
C THR D 69 22.75 -15.91 3.14
N GLY D 70 23.47 -16.97 2.78
CA GLY D 70 23.87 -17.97 3.75
C GLY D 70 22.80 -18.97 4.11
N ILE D 71 21.61 -18.86 3.54
CA ILE D 71 20.54 -19.82 3.77
C ILE D 71 20.79 -21.04 2.88
N SER D 72 20.76 -22.22 3.48
CA SER D 72 20.98 -23.46 2.74
C SER D 72 19.94 -23.60 1.63
N THR D 73 20.33 -24.30 0.56
CA THR D 73 19.40 -24.54 -0.53
C THR D 73 18.17 -25.31 -0.04
N SER D 74 18.38 -26.32 0.80
CA SER D 74 17.25 -27.08 1.35
C SER D 74 16.26 -26.16 2.05
N THR D 75 16.77 -25.23 2.87
CA THR D 75 15.90 -24.28 3.54
C THR D 75 15.25 -23.32 2.55
N LEU D 76 15.89 -23.07 1.40
CA LEU D 76 15.31 -22.16 0.42
C LEU D 76 14.16 -22.81 -0.33
N LYS D 77 14.36 -24.03 -0.84
CA LYS D 77 13.25 -24.81 -1.37
C LYS D 77 12.13 -24.89 -0.34
N ARG D 78 12.47 -24.97 0.97
CA ARG D 78 11.45 -24.95 2.00
C ARG D 78 10.69 -23.64 1.96
N LEU D 79 11.43 -22.53 1.93
CA LEU D 79 10.80 -21.21 2.05
C LEU D 79 9.86 -20.93 0.90
N PHE D 80 10.26 -21.32 -0.31
CA PHE D 80 9.54 -20.98 -1.52
C PHE D 80 8.26 -21.75 -1.72
N LYS D 81 8.00 -22.78 -0.91
CA LYS D 81 6.73 -23.50 -0.97
C LYS D 81 5.89 -23.22 0.27
N ASP D 82 6.38 -23.54 1.47
CA ASP D 82 5.71 -23.02 2.66
C ASP D 82 6.72 -22.55 3.69
N PRO D 83 6.84 -21.23 3.89
CA PRO D 83 7.81 -20.71 4.85
C PRO D 83 7.27 -20.66 6.28
N GLU D 84 6.23 -21.45 6.55
CA GLU D 84 5.58 -21.40 7.85
C GLU D 84 6.54 -21.74 8.97
N GLN D 85 7.44 -22.70 8.75
CA GLN D 85 8.38 -23.13 9.76
C GLN D 85 9.76 -22.51 9.59
N VAL D 86 9.88 -21.48 8.76
CA VAL D 86 11.17 -20.84 8.46
C VAL D 86 11.30 -19.59 9.32
N LYS D 87 12.50 -19.36 9.84
CA LYS D 87 12.78 -18.15 10.62
C LYS D 87 12.35 -16.92 9.85
N PHE D 88 11.74 -15.97 10.58
CA PHE D 88 11.28 -14.73 9.94
C PHE D 88 12.44 -13.97 9.32
N GLY D 89 13.61 -13.99 9.97
CA GLY D 89 14.75 -13.24 9.47
C GLY D 89 15.18 -13.71 8.09
N SER D 90 15.07 -15.01 7.82
CA SER D 90 15.45 -15.53 6.51
C SER D 90 14.46 -15.12 5.43
N VAL D 91 13.17 -15.22 5.71
CA VAL D 91 12.16 -14.75 4.77
C VAL D 91 12.36 -13.27 4.48
N PHE D 92 12.56 -12.47 5.54
CA PHE D 92 12.84 -11.05 5.37
C PHE D 92 14.12 -10.82 4.59
N ALA D 93 15.12 -11.70 4.78
CA ALA D 93 16.38 -11.56 4.04
C ALA D 93 16.19 -11.90 2.57
N VAL D 94 15.45 -12.97 2.27
CA VAL D 94 15.23 -13.37 0.89
C VAL D 94 14.40 -12.32 0.15
N ALA D 95 13.45 -11.71 0.84
CA ALA D 95 12.64 -10.66 0.22
C ALA D 95 13.51 -9.46 -0.16
N ASN D 96 14.49 -9.12 0.67
CA ASN D 96 15.33 -7.96 0.40
C ASN D 96 16.29 -8.23 -0.76
N VAL D 97 16.97 -9.37 -0.74
CA VAL D 97 17.87 -9.74 -1.81
C VAL D 97 17.16 -9.90 -3.14
N LEU D 98 15.83 -10.00 -3.13
CA LEU D 98 15.05 -10.07 -4.35
C LEU D 98 14.40 -8.74 -4.70
N GLY D 99 14.60 -7.70 -3.89
CA GLY D 99 14.01 -6.41 -4.16
C GLY D 99 12.57 -6.26 -3.75
N VAL D 100 12.08 -7.09 -2.83
CA VAL D 100 10.71 -7.05 -2.37
C VAL D 100 10.66 -6.29 -1.05
N LYS D 101 9.70 -5.38 -0.92
CA LYS D 101 9.50 -4.64 0.32
C LYS D 101 8.29 -5.16 1.06
N LEU D 102 8.40 -5.23 2.39
CA LEU D 102 7.32 -5.69 3.25
C LEU D 102 6.64 -4.49 3.88
N CYS D 103 5.31 -4.48 3.86
CA CYS D 103 4.52 -3.40 4.43
C CYS D 103 3.46 -3.98 5.35
N ILE D 104 2.91 -3.12 6.22
CA ILE D 104 1.79 -3.49 7.07
C ILE D 104 0.75 -2.38 7.04
N GLY D 105 -0.52 -2.77 6.99
CA GLY D 105 -1.64 -1.84 7.00
C GLY D 105 -2.72 -2.32 7.94
N GLU D 106 -3.74 -1.48 8.11
CA GLU D 106 -4.81 -1.76 9.06
C GLU D 106 -6.19 -1.54 8.44
N HIS E 1 19.56 33.22 -24.55
CA HIS E 1 18.78 34.44 -24.41
C HIS E 1 17.39 34.25 -25.02
N ARG E 2 16.94 33.01 -25.02
CA ARG E 2 15.63 32.60 -25.48
C ARG E 2 14.84 32.03 -24.30
N ARG E 3 13.54 31.91 -24.49
CA ARG E 3 12.63 31.21 -23.58
C ARG E 3 12.13 29.99 -24.36
N VAL E 4 12.70 28.82 -24.09
CA VAL E 4 12.44 27.62 -24.88
C VAL E 4 11.64 26.62 -24.05
N LYS E 5 10.81 25.84 -24.73
CA LYS E 5 9.85 24.94 -24.11
C LYS E 5 10.37 23.50 -24.15
N VAL E 6 10.02 22.74 -23.12
CA VAL E 6 10.41 21.34 -23.02
C VAL E 6 9.17 20.46 -23.13
N LEU E 7 9.34 19.28 -23.72
CA LEU E 7 8.24 18.41 -24.11
C LEU E 7 8.60 16.98 -23.73
N LEU E 8 7.79 16.36 -22.88
CA LEU E 8 8.02 14.97 -22.47
C LEU E 8 6.80 14.14 -22.81
N TYR E 9 7.01 13.03 -23.52
CA TYR E 9 5.96 12.15 -24.01
C TYR E 9 4.95 12.88 -24.89
N GLY E 10 5.32 14.05 -25.40
CA GLY E 10 4.49 14.81 -26.32
C GLY E 10 3.70 15.93 -25.69
N GLN E 11 3.72 16.07 -24.37
CA GLN E 11 2.96 17.09 -23.67
C GLN E 11 3.90 18.09 -23.00
N VAL E 12 3.52 19.37 -23.02
CA VAL E 12 4.35 20.41 -22.43
C VAL E 12 4.47 20.18 -20.93
N VAL E 13 5.71 20.12 -20.45
CA VAL E 13 6.01 19.91 -19.04
C VAL E 13 6.35 21.26 -18.42
N GLY E 14 7.00 22.11 -19.20
CA GLY E 14 7.44 23.40 -18.72
C GLY E 14 8.37 24.02 -19.73
N GLU E 15 9.00 25.11 -19.33
CA GLU E 15 9.90 25.80 -20.26
C GLU E 15 11.15 26.27 -19.53
N LEU E 16 12.25 26.28 -20.28
CA LEU E 16 13.58 26.65 -19.78
C LEU E 16 13.95 28.00 -20.39
N SER E 17 14.26 28.96 -19.53
CA SER E 17 14.54 30.33 -19.96
C SER E 17 15.96 30.72 -19.58
N GLN E 18 16.51 31.68 -20.33
CA GLN E 18 17.81 32.28 -20.03
C GLN E 18 17.61 33.78 -19.88
N ASN E 19 17.89 34.29 -18.68
CA ASN E 19 17.78 35.71 -18.41
C ASN E 19 19.15 36.38 -18.33
N ASP E 20 19.25 37.39 -17.48
CA ASP E 20 20.51 38.12 -17.31
C ASP E 20 21.44 37.38 -16.35
N SER E 21 20.94 36.97 -15.19
CA SER E 21 21.80 36.38 -14.16
C SER E 21 22.00 34.89 -14.38
N GLY E 22 20.96 34.18 -14.78
CA GLY E 22 21.09 32.74 -14.97
C GLY E 22 19.84 32.15 -15.58
N PHE E 23 19.74 30.82 -15.44
CA PHE E 23 18.69 30.03 -16.06
C PHE E 23 17.65 29.62 -15.03
N LEU E 24 16.44 29.34 -15.51
CA LEU E 24 15.33 28.96 -14.66
C LEU E 24 14.46 27.95 -15.38
N PHE E 25 14.24 26.79 -14.77
CA PHE E 25 13.35 25.77 -15.31
C PHE E 25 12.08 25.73 -14.49
N GLN E 26 10.94 25.65 -15.16
CA GLN E 26 9.63 25.76 -14.52
C GLN E 26 8.74 24.62 -14.95
N TYR E 27 8.58 23.62 -14.08
CA TYR E 27 7.50 22.65 -14.26
C TYR E 27 6.17 23.39 -14.19
N ALA E 28 5.35 23.24 -15.24
CA ALA E 28 4.06 23.91 -15.28
C ALA E 28 3.23 23.53 -14.05
N HIS E 29 2.56 24.52 -13.48
CA HIS E 29 1.88 24.34 -12.19
C HIS E 29 0.83 23.24 -12.22
N ASP E 30 0.30 22.91 -13.40
CA ASP E 30 -0.73 21.89 -13.53
C ASP E 30 -0.17 20.50 -13.81
N TYR E 31 1.14 20.34 -13.88
CA TYR E 31 1.75 19.05 -14.21
C TYR E 31 1.98 18.25 -12.94
N HIS E 32 1.43 17.03 -12.91
CA HIS E 32 1.59 16.12 -11.78
C HIS E 32 1.94 14.72 -12.27
N GLY E 33 2.73 14.64 -13.34
CA GLY E 33 3.13 13.38 -13.91
C GLY E 33 4.60 13.07 -13.66
N PRO E 34 5.16 12.16 -14.45
CA PRO E 34 6.58 11.81 -14.27
C PRO E 34 7.49 12.99 -14.56
N ALA E 35 8.64 12.98 -13.89
CA ALA E 35 9.67 14.00 -14.10
C ALA E 35 10.63 13.59 -15.21
N ILE E 36 11.15 14.60 -15.92
CA ILE E 36 12.06 14.34 -17.04
C ILE E 36 13.45 13.90 -16.62
N SER E 37 13.74 13.86 -15.32
CA SER E 37 15.03 13.46 -14.78
C SER E 37 14.89 13.29 -13.28
N ILE E 38 15.73 12.43 -12.70
CA ILE E 38 15.72 12.30 -11.25
C ILE E 38 16.43 13.48 -10.58
N SER E 39 17.24 14.23 -11.33
CA SER E 39 17.81 15.46 -10.81
C SER E 39 16.79 16.58 -10.72
N LEU E 40 15.63 16.44 -11.35
CA LEU E 40 14.63 17.49 -11.45
C LEU E 40 13.29 16.93 -10.97
N PRO E 41 13.08 16.88 -9.65
CA PRO E 41 11.81 16.36 -9.14
C PRO E 41 10.64 17.29 -9.44
N VAL E 42 9.47 16.68 -9.64
CA VAL E 42 8.27 17.47 -9.90
C VAL E 42 7.91 18.33 -8.69
N ALA E 43 8.27 17.87 -7.48
CA ALA E 43 7.84 18.55 -6.27
C ALA E 43 8.44 19.95 -6.15
N GLN E 44 9.73 20.10 -6.50
CA GLN E 44 10.37 21.40 -6.37
C GLN E 44 9.75 22.42 -7.32
N ARG E 45 9.35 21.97 -8.52
CA ARG E 45 8.67 22.78 -9.53
C ARG E 45 9.55 23.89 -10.11
N GLN E 46 10.21 24.67 -9.26
CA GLN E 46 11.06 25.77 -9.72
C GLN E 46 12.53 25.37 -9.63
N PHE E 47 13.31 25.78 -10.63
CA PHE E 47 14.71 25.36 -10.76
C PHE E 47 15.58 26.48 -11.30
N PRO E 48 16.07 27.36 -10.44
CA PRO E 48 17.06 28.36 -10.87
C PRO E 48 18.48 27.87 -10.67
N SER E 49 19.36 28.35 -11.55
CA SER E 49 20.77 27.99 -11.47
C SER E 49 21.59 28.95 -12.33
N GLU E 50 22.84 29.18 -11.90
CA GLU E 50 23.74 30.06 -12.63
C GLU E 50 24.07 29.50 -14.00
N THR E 51 24.49 28.24 -14.04
CA THR E 51 24.90 27.58 -15.27
C THR E 51 23.78 26.70 -15.80
N LEU E 52 23.99 26.16 -17.00
CA LEU E 52 23.02 25.23 -17.58
C LEU E 52 22.85 24.03 -16.66
N HIS E 53 21.59 23.69 -16.38
CA HIS E 53 21.31 22.54 -15.54
C HIS E 53 22.05 21.31 -16.06
N PRO E 54 22.66 20.51 -15.19
CA PRO E 54 23.47 19.38 -15.68
C PRO E 54 22.70 18.42 -16.57
N TYR E 55 21.38 18.35 -16.42
CA TYR E 55 20.58 17.49 -17.29
C TYR E 55 20.57 18.02 -18.73
N PHE E 56 20.13 19.26 -18.91
CA PHE E 56 20.02 19.81 -20.26
C PHE E 56 21.38 19.94 -20.93
N ALA E 57 22.42 20.25 -20.16
CA ALA E 57 23.75 20.33 -20.72
C ALA E 57 24.19 18.99 -21.31
N SER E 58 23.81 17.90 -20.65
CA SER E 58 24.15 16.57 -21.14
C SER E 58 23.25 16.11 -22.28
N LEU E 59 22.09 16.75 -22.47
CA LEU E 59 21.23 16.41 -23.59
C LEU E 59 21.80 16.87 -24.93
N ALA E 60 22.70 17.85 -24.91
CA ALA E 60 23.33 18.33 -26.13
C ALA E 60 24.41 17.36 -26.58
N PRO E 61 24.58 17.15 -27.88
CA PRO E 61 25.53 16.15 -28.36
C PRO E 61 26.94 16.68 -28.23
N GLU E 62 27.91 15.80 -28.45
CA GLU E 62 29.29 16.16 -28.18
C GLU E 62 30.30 15.70 -29.23
N GLY E 63 30.08 14.56 -29.90
CA GLY E 63 31.08 14.04 -30.80
C GLY E 63 30.98 14.53 -32.23
N TRP E 64 30.99 13.59 -33.18
CA TRP E 64 30.88 13.93 -34.59
C TRP E 64 29.59 14.67 -34.88
N LEU E 65 28.55 14.45 -34.07
CA LEU E 65 27.28 15.13 -34.27
C LEU E 65 27.36 16.60 -33.93
N ARG E 66 28.15 16.96 -32.92
CA ARG E 66 28.30 18.36 -32.54
C ARG E 66 29.21 19.12 -33.50
N GLN E 67 30.25 18.48 -34.01
CA GLN E 67 31.16 19.13 -34.94
C GLN E 67 30.50 19.40 -36.29
N ARG E 68 29.42 18.69 -36.62
CA ARG E 68 28.66 19.00 -37.83
C ARG E 68 28.01 20.37 -37.71
N TYR E 69 27.28 20.60 -36.61
CA TYR E 69 26.65 21.90 -36.40
C TYR E 69 27.69 22.99 -36.15
N SER E 70 28.83 22.63 -35.56
CA SER E 70 29.91 23.59 -35.36
C SER E 70 30.65 23.93 -36.65
N GLN E 71 30.34 23.25 -37.75
CA GLN E 71 30.96 23.51 -39.04
C GLN E 71 30.12 24.38 -39.95
N ILE E 72 28.81 24.18 -39.98
CA ILE E 72 27.91 24.97 -40.81
C ILE E 72 27.55 26.27 -40.11
N GLN E 73 26.97 26.12 -38.93
CA GLN E 73 26.35 27.22 -38.20
C GLN E 73 27.33 27.95 -37.30
N HIS E 74 27.91 27.23 -36.33
CA HIS E 74 29.05 27.71 -35.55
C HIS E 74 28.77 29.03 -34.83
N ARG E 75 28.03 28.95 -33.72
CA ARG E 75 27.86 30.11 -32.85
C ARG E 75 28.87 30.16 -31.72
N ASP E 76 29.91 29.32 -31.77
CA ASP E 76 31.01 29.34 -30.80
C ASP E 76 30.51 29.25 -29.37
N GLU E 77 29.50 28.43 -29.16
CA GLU E 77 28.95 28.18 -27.84
C GLU E 77 28.60 29.46 -27.08
N ASN E 78 27.92 30.37 -27.77
CA ASN E 78 27.50 31.62 -27.15
C ASN E 78 26.10 31.57 -26.56
N ASP E 79 25.27 30.60 -26.95
CA ASP E 79 23.87 30.49 -26.53
C ASP E 79 23.64 29.10 -25.91
N LEU E 80 23.72 29.02 -24.59
CA LEU E 80 23.79 27.69 -23.97
C LEU E 80 22.48 26.91 -24.10
N LEU E 81 21.35 27.55 -23.82
CA LEU E 81 20.08 26.90 -24.13
C LEU E 81 19.84 26.88 -25.64
N GLY E 82 20.64 27.63 -26.40
CA GLY E 82 20.52 27.66 -27.83
C GLY E 82 21.47 26.77 -28.60
N MET E 83 22.06 25.73 -28.01
CA MET E 83 22.48 24.64 -28.89
C MET E 83 21.51 23.45 -28.85
N LEU E 84 20.62 23.35 -27.87
CA LEU E 84 19.68 22.23 -27.88
C LEU E 84 18.67 22.35 -29.02
N ILE E 85 18.37 23.58 -29.46
CA ILE E 85 17.33 23.78 -30.45
C ILE E 85 17.74 23.28 -31.83
N ASP E 86 19.05 23.13 -32.09
CA ASP E 86 19.49 22.63 -33.39
C ASP E 86 19.20 21.16 -33.58
N ASN E 87 18.94 20.44 -32.50
CA ASN E 87 18.64 19.02 -32.55
C ASN E 87 17.49 18.67 -31.61
N GLY E 88 16.80 19.67 -31.06
CA GLY E 88 15.68 19.45 -30.16
C GLY E 88 14.75 18.35 -30.58
N LYS E 89 14.69 18.09 -31.90
CA LYS E 89 13.99 16.95 -32.47
C LYS E 89 14.93 15.77 -32.78
N ASN E 90 16.05 15.65 -32.08
CA ASN E 90 16.96 14.52 -32.26
C ASN E 90 17.50 14.05 -30.93
N LEU E 91 16.69 14.14 -29.88
CA LEU E 91 17.14 13.82 -28.54
C LEU E 91 16.76 12.39 -28.17
N LEU E 92 17.54 11.80 -27.27
CA LEU E 92 17.25 10.46 -26.79
C LEU E 92 16.16 10.51 -25.74
N GLY E 93 15.28 9.51 -25.76
CA GLY E 93 14.15 9.45 -24.85
C GLY E 93 12.89 10.03 -25.47
N ALA E 94 11.97 10.42 -24.59
CA ALA E 94 10.73 11.07 -25.00
C ALA E 94 10.76 12.57 -24.76
N ILE E 95 11.95 13.16 -24.76
CA ILE E 95 12.13 14.58 -24.46
C ILE E 95 12.34 15.34 -25.76
N GLN E 96 11.77 16.55 -25.84
CA GLN E 96 11.93 17.43 -26.99
C GLN E 96 12.19 18.85 -26.50
N ILE E 97 13.06 19.57 -27.21
CA ILE E 97 13.33 20.97 -26.94
C ILE E 97 12.80 21.78 -28.11
N LEU E 98 11.81 22.64 -27.84
CA LEU E 98 11.08 23.34 -28.88
C LEU E 98 10.88 24.80 -28.48
N PRO E 99 11.11 25.74 -29.39
CA PRO E 99 10.96 27.16 -29.03
C PRO E 99 9.49 27.55 -28.95
N TRP E 100 9.16 28.32 -27.90
CA TRP E 100 7.83 28.86 -27.66
C TRP E 100 6.73 27.82 -27.88
N ALA F 1 32.79 -17.56 -43.68
CA ALA F 1 31.96 -18.67 -43.28
C ALA F 1 31.22 -18.38 -41.98
N ASN F 2 31.49 -17.21 -41.40
CA ASN F 2 30.87 -16.80 -40.15
C ASN F 2 29.86 -15.67 -40.41
N CYS F 3 28.84 -15.60 -39.55
CA CYS F 3 27.72 -14.72 -39.78
C CYS F 3 28.08 -13.27 -39.45
N ARG F 4 27.73 -12.36 -40.35
CA ARG F 4 27.98 -10.93 -40.16
C ARG F 4 27.05 -10.31 -39.12
N ILE F 5 26.23 -11.10 -38.44
CA ILE F 5 25.34 -10.62 -37.37
C ILE F 5 25.65 -11.34 -36.05
N LEU F 6 25.77 -12.66 -36.10
CA LEU F 6 25.91 -13.47 -34.90
C LEU F 6 27.32 -14.03 -34.70
N LEU F 7 28.18 -13.96 -35.70
CA LEU F 7 29.53 -14.53 -35.65
C LEU F 7 29.53 -16.04 -35.45
N THR F 8 28.39 -16.68 -35.67
CA THR F 8 28.25 -18.13 -35.69
C THR F 8 28.43 -18.66 -37.10
N PRO F 9 28.91 -19.89 -37.26
CA PRO F 9 29.14 -20.44 -38.59
C PRO F 9 27.85 -20.49 -39.42
N LEU F 10 27.99 -20.19 -40.71
CA LEU F 10 26.90 -20.24 -41.66
C LEU F 10 26.70 -21.68 -42.15
N ASN F 11 25.49 -21.97 -42.63
CA ASN F 11 25.04 -23.35 -42.79
C ASN F 11 24.79 -23.78 -44.24
N GLU F 12 25.70 -23.43 -45.14
CA GLU F 12 25.62 -23.80 -46.56
C GLU F 12 24.47 -23.10 -47.27
N ARG F 13 23.25 -23.23 -46.73
CA ARG F 13 22.14 -22.46 -47.28
C ARG F 13 22.37 -20.96 -47.13
N ASP F 14 23.09 -20.55 -46.08
CA ASP F 14 23.35 -19.15 -45.82
C ASP F 14 24.77 -18.72 -46.15
N GLU F 15 25.68 -19.65 -46.47
CA GLU F 15 27.10 -19.30 -46.57
C GLU F 15 27.33 -18.24 -47.64
N GLN F 16 26.75 -18.42 -48.83
CA GLN F 16 26.99 -17.46 -49.90
C GLN F 16 26.43 -16.09 -49.56
N ARG F 17 25.26 -16.05 -48.89
CA ARG F 17 24.70 -14.75 -48.50
C ARG F 17 25.62 -14.02 -47.54
N GLY F 18 26.25 -14.75 -46.62
CA GLY F 18 27.07 -14.15 -45.59
C GLY F 18 26.34 -13.82 -44.31
N TYR F 19 25.01 -13.93 -44.30
CA TYR F 19 24.20 -13.67 -43.12
C TYR F 19 23.33 -14.89 -42.87
N SER F 20 23.29 -15.34 -41.62
CA SER F 20 22.41 -16.44 -41.27
C SER F 20 20.97 -15.96 -41.19
N THR F 21 20.03 -16.86 -41.45
CA THR F 21 18.62 -16.51 -41.29
C THR F 21 18.30 -16.21 -39.84
N GLN F 22 18.97 -16.89 -38.90
CA GLN F 22 18.79 -16.59 -37.49
C GLN F 22 19.15 -15.15 -37.17
N GLY F 23 20.26 -14.66 -37.73
CA GLY F 23 20.70 -13.30 -37.43
C GLY F 23 19.81 -12.25 -38.06
N LEU F 24 19.42 -12.46 -39.31
CA LEU F 24 18.54 -11.51 -39.99
C LEU F 24 17.19 -11.42 -39.29
N LYS F 25 16.69 -12.56 -38.79
CA LYS F 25 15.47 -12.55 -37.99
C LYS F 25 15.66 -11.73 -36.72
N ARG F 26 16.76 -11.95 -36.01
CA ARG F 26 16.98 -11.31 -34.72
C ARG F 26 17.06 -9.80 -34.85
N LEU F 27 17.70 -9.30 -35.91
CA LEU F 27 17.89 -7.87 -36.05
C LEU F 27 16.59 -7.17 -36.42
N SER F 28 15.93 -7.62 -37.49
CA SER F 28 14.83 -6.87 -38.07
C SER F 28 13.47 -7.22 -37.51
N GLY F 29 13.30 -8.42 -36.95
CA GLY F 29 11.99 -8.95 -36.68
C GLY F 29 11.34 -9.62 -37.86
N THR F 30 11.94 -9.52 -39.05
CA THR F 30 11.51 -10.20 -40.25
C THR F 30 12.69 -10.94 -40.85
N ALA F 31 12.43 -12.11 -41.44
CA ALA F 31 13.49 -12.88 -42.08
C ALA F 31 13.83 -12.40 -43.48
N LYS F 32 13.01 -11.52 -44.05
CA LYS F 32 13.30 -10.92 -45.35
C LYS F 32 13.84 -9.50 -45.14
N LEU F 33 15.07 -9.45 -44.63
CA LEU F 33 15.80 -8.20 -44.45
C LEU F 33 16.97 -8.17 -45.41
N ASN F 34 17.25 -6.98 -45.97
CA ASN F 34 18.35 -6.82 -46.89
C ASN F 34 19.53 -6.15 -46.17
N PRO F 35 20.56 -6.89 -45.78
CA PRO F 35 21.70 -6.27 -45.09
C PRO F 35 22.68 -5.58 -46.01
N ARG F 36 22.42 -5.56 -47.32
CA ARG F 36 23.25 -4.85 -48.28
C ARG F 36 22.59 -3.50 -48.53
N LEU F 37 23.14 -2.46 -47.90
CA LEU F 37 22.56 -1.12 -47.99
C LEU F 37 22.51 -0.65 -49.43
N GLY F 38 21.50 0.18 -49.72
CA GLY F 38 21.32 0.70 -51.06
C GLY F 38 21.94 2.07 -51.27
N PHE F 39 22.94 2.40 -50.46
CA PHE F 39 23.64 3.67 -50.60
C PHE F 39 25.11 3.47 -50.25
N THR F 40 25.96 4.33 -50.81
CA THR F 40 27.38 4.27 -50.51
C THR F 40 27.67 5.06 -49.23
N ARG F 41 28.90 4.91 -48.73
CA ARG F 41 29.32 5.63 -47.54
C ARG F 41 29.28 7.13 -47.76
N THR F 42 29.97 7.61 -48.80
CA THR F 42 30.08 9.04 -49.07
C THR F 42 28.75 9.67 -49.47
N GLN F 43 27.70 8.88 -49.69
CA GLN F 43 26.39 9.44 -50.03
C GLN F 43 25.75 10.14 -48.84
N PHE F 44 26.00 9.66 -47.62
CA PHE F 44 25.37 10.21 -46.42
C PHE F 44 26.35 10.52 -45.30
N VAL F 45 27.57 9.99 -45.32
CA VAL F 45 28.57 10.27 -44.30
C VAL F 45 29.56 11.26 -44.90
N GLN F 46 29.40 12.53 -44.55
CA GLN F 46 30.26 13.62 -45.03
C GLN F 46 31.36 13.84 -43.99
N GLU F 47 32.60 13.58 -44.39
CA GLU F 47 33.72 13.70 -43.48
C GLU F 47 34.08 15.17 -43.28
N LEU F 48 34.13 15.61 -42.01
CA LEU F 48 34.52 16.97 -41.68
C LEU F 48 36.03 17.05 -41.50
N PRO F 49 36.64 18.20 -41.79
CA PRO F 49 38.10 18.29 -41.76
C PRO F 49 38.68 18.55 -40.38
N ARG F 50 39.90 18.04 -40.20
CA ARG F 50 40.76 18.25 -39.02
C ARG F 50 40.25 17.56 -37.76
N GLN F 51 38.94 17.64 -37.48
CA GLN F 51 38.37 17.10 -36.25
C GLN F 51 39.09 17.64 -35.03
N GLN F 52 39.76 16.77 -34.28
CA GLN F 52 40.54 17.16 -33.11
C GLN F 52 41.72 16.18 -33.00
N LYS F 53 42.38 16.19 -31.84
CA LYS F 53 43.49 15.28 -31.59
C LYS F 53 43.39 14.64 -30.22
N GLY F 54 42.87 15.37 -29.24
CA GLY F 54 42.74 14.88 -27.88
C GLY F 54 41.42 14.23 -27.56
N MET F 55 40.54 14.08 -28.54
CA MET F 55 39.24 13.47 -28.30
C MET F 55 39.37 11.96 -28.15
N SER F 56 38.39 11.36 -27.49
CA SER F 56 38.32 9.91 -27.40
C SER F 56 37.81 9.33 -28.72
N ILE F 57 38.09 8.04 -28.91
CA ILE F 57 37.77 7.37 -30.17
C ILE F 57 36.29 7.49 -30.50
N SER F 58 35.43 7.50 -29.48
CA SER F 58 34.00 7.59 -29.72
C SER F 58 33.62 8.93 -30.34
N GLY F 59 34.35 10.00 -30.03
CA GLY F 59 34.06 11.32 -30.58
C GLY F 59 34.30 11.46 -32.07
N TYR F 60 34.99 10.51 -32.68
CA TYR F 60 35.24 10.52 -34.11
C TYR F 60 34.26 9.65 -34.90
N GLN F 61 33.44 8.87 -34.21
CA GLN F 61 32.55 7.94 -34.88
C GLN F 61 31.32 8.65 -35.42
N PRO F 62 31.04 8.57 -36.72
CA PRO F 62 29.80 9.14 -37.25
C PRO F 62 28.59 8.30 -36.83
N LYS F 63 27.42 8.94 -36.84
CA LYS F 63 26.16 8.30 -36.49
C LYS F 63 25.11 8.67 -37.53
N LEU F 64 24.52 7.66 -38.16
CA LEU F 64 23.41 7.84 -39.07
C LEU F 64 22.14 7.25 -38.47
N GLN F 65 21.02 7.93 -38.70
CA GLN F 65 19.72 7.45 -38.21
C GLN F 65 19.04 6.63 -39.30
N LEU F 66 18.69 5.40 -38.97
CA LEU F 66 18.14 4.46 -39.94
C LEU F 66 16.73 4.03 -39.53
N VAL F 67 15.93 3.69 -40.54
CA VAL F 67 14.60 3.13 -40.34
C VAL F 67 14.44 1.94 -41.28
N LEU F 68 13.52 1.04 -40.92
CA LEU F 68 13.30 -0.20 -41.66
C LEU F 68 12.05 -0.08 -42.53
N ASP F 69 12.26 0.22 -43.80
CA ASP F 69 11.18 0.34 -44.78
C ASP F 69 11.11 -0.94 -45.59
N GLU F 70 10.04 -1.70 -45.40
CA GLU F 70 9.78 -2.98 -46.07
C GLU F 70 11.06 -3.82 -46.23
N GLY F 71 11.65 -4.15 -45.09
CA GLY F 71 12.85 -4.97 -45.09
C GLY F 71 14.08 -4.32 -45.69
N GLU F 72 14.06 -3.01 -45.92
CA GLU F 72 15.19 -2.28 -46.47
C GLU F 72 15.47 -1.07 -45.60
N PHE F 73 16.76 -0.80 -45.39
CA PHE F 73 17.17 0.33 -44.56
C PHE F 73 17.14 1.63 -45.35
N ARG F 74 16.70 2.70 -44.70
CA ARG F 74 16.60 4.03 -45.30
C ARG F 74 17.05 5.05 -44.28
N VAL F 75 17.89 5.99 -44.70
CA VAL F 75 18.47 6.98 -43.78
C VAL F 75 17.48 8.12 -43.57
N VAL F 76 17.08 8.31 -42.32
CA VAL F 76 16.26 9.45 -41.94
C VAL F 76 17.17 10.48 -41.28
N ASP F 77 16.67 11.71 -41.17
CA ASP F 77 17.44 12.79 -40.58
C ASP F 77 17.12 13.03 -39.12
N HIS F 78 15.95 12.60 -38.64
CA HIS F 78 15.57 12.78 -37.24
C HIS F 78 14.76 11.58 -36.75
N GLN F 79 15.01 11.18 -35.49
CA GLN F 79 14.37 10.03 -34.85
C GLN F 79 14.27 8.81 -35.72
N GLY F 80 15.29 7.95 -35.64
CA GLY F 80 15.22 6.63 -36.24
C GLY F 80 14.91 5.57 -35.20
N ASN F 81 14.91 4.32 -35.68
CA ASN F 81 14.85 3.17 -34.81
C ASN F 81 16.17 2.41 -34.75
N PHE F 82 17.08 2.69 -35.68
CA PHE F 82 18.41 2.10 -35.69
C PHE F 82 19.44 3.22 -35.78
N ILE F 83 20.66 2.91 -35.39
CA ILE F 83 21.79 3.82 -35.50
C ILE F 83 22.92 3.10 -36.20
N LEU F 84 23.46 3.72 -37.25
CA LEU F 84 24.52 3.16 -38.06
C LEU F 84 25.82 3.90 -37.73
N LYS F 85 26.80 3.16 -37.18
CA LYS F 85 28.09 3.72 -36.78
C LYS F 85 29.17 3.19 -37.72
N PRO F 86 29.51 3.93 -38.78
CA PRO F 86 30.63 3.51 -39.63
C PRO F 86 31.96 3.72 -38.93
N SER F 87 32.97 3.05 -39.46
CA SER F 87 34.32 3.22 -38.95
C SER F 87 34.76 4.66 -39.18
N PRO F 88 35.34 5.33 -38.18
CA PRO F 88 35.92 6.65 -38.43
C PRO F 88 37.08 6.55 -39.40
N ALA F 89 37.35 7.67 -40.09
CA ALA F 89 38.34 7.64 -41.16
C ALA F 89 39.73 7.28 -40.65
N ASP F 90 40.08 7.74 -39.44
CA ASP F 90 41.40 7.49 -38.89
C ASP F 90 41.51 6.17 -38.14
N PHE F 91 40.40 5.47 -37.91
CA PHE F 91 40.39 4.22 -37.17
C PHE F 91 39.70 3.15 -38.01
N PRO F 92 40.38 2.64 -39.03
CA PRO F 92 39.75 1.61 -39.88
C PRO F 92 39.56 0.30 -39.12
N GLY F 93 38.39 -0.29 -39.28
CA GLY F 93 38.07 -1.53 -38.61
C GLY F 93 37.43 -1.38 -37.24
N LEU F 94 37.09 -0.16 -36.83
CA LEU F 94 36.49 0.03 -35.52
C LEU F 94 35.08 -0.57 -35.46
N ALA F 95 34.35 -0.52 -36.57
CA ALA F 95 33.00 -1.10 -36.58
C ALA F 95 33.06 -2.60 -36.32
N GLU F 96 34.02 -3.30 -36.93
CA GLU F 96 34.20 -4.71 -36.64
C GLU F 96 34.63 -4.93 -35.19
N ASN F 97 35.27 -3.94 -34.57
CA ASN F 97 35.63 -4.05 -33.16
C ASN F 97 34.39 -3.96 -32.28
N GLU F 98 33.57 -2.92 -32.47
CA GLU F 98 32.34 -2.79 -31.69
C GLU F 98 31.43 -4.00 -31.89
N HIS F 99 31.31 -4.49 -33.13
CA HIS F 99 30.51 -5.67 -33.38
C HIS F 99 31.04 -6.88 -32.63
N ALA F 100 32.37 -7.06 -32.64
CA ALA F 100 32.96 -8.20 -31.94
C ALA F 100 32.71 -8.12 -30.44
N THR F 101 32.95 -6.95 -29.84
CA THR F 101 32.78 -6.80 -28.40
C THR F 101 31.32 -6.96 -27.99
N MET F 102 30.42 -6.23 -28.66
CA MET F 102 29.01 -6.28 -28.28
C MET F 102 28.40 -7.65 -28.51
N THR F 103 28.92 -8.40 -29.49
CA THR F 103 28.51 -9.80 -29.63
C THR F 103 28.97 -10.63 -28.45
N LEU F 104 30.20 -10.40 -27.97
CA LEU F 104 30.68 -11.10 -26.79
C LEU F 104 29.84 -10.75 -25.57
N MET F 105 29.57 -9.47 -25.36
CA MET F 105 28.71 -9.04 -24.26
C MET F 105 27.37 -9.77 -24.31
N SER F 106 26.76 -9.82 -25.50
CA SER F 106 25.50 -10.53 -25.67
C SER F 106 25.64 -12.01 -25.36
N ARG F 107 26.76 -12.61 -25.77
CA ARG F 107 26.98 -14.03 -25.50
C ARG F 107 27.21 -14.29 -24.02
N LEU F 108 27.79 -13.33 -23.30
CA LEU F 108 28.00 -13.47 -21.87
C LEU F 108 26.74 -13.23 -21.05
N GLY F 109 25.62 -12.89 -21.70
CA GLY F 109 24.35 -12.78 -21.02
C GLY F 109 23.93 -11.37 -20.62
N PHE F 110 24.72 -10.36 -20.97
CA PHE F 110 24.31 -8.99 -20.67
C PHE F 110 23.11 -8.59 -21.53
N ASP F 111 22.40 -7.56 -21.06
CA ASP F 111 21.32 -6.97 -21.85
C ASP F 111 21.94 -6.09 -22.94
N VAL F 112 21.87 -6.57 -24.17
CA VAL F 112 22.45 -5.86 -25.32
C VAL F 112 21.39 -5.70 -26.40
N PRO F 113 21.24 -4.52 -26.98
CA PRO F 113 20.34 -4.38 -28.12
C PRO F 113 20.83 -5.22 -29.29
N VAL F 114 19.89 -5.63 -30.16
CA VAL F 114 20.28 -6.38 -31.34
C VAL F 114 21.14 -5.48 -32.23
N HIS F 115 22.08 -6.11 -32.92
CA HIS F 115 23.10 -5.38 -33.65
C HIS F 115 23.67 -6.27 -34.74
N GLY F 116 24.62 -5.73 -35.49
CA GLY F 116 25.27 -6.50 -36.54
C GLY F 116 26.09 -5.59 -37.44
N LEU F 117 26.53 -6.17 -38.55
CA LEU F 117 27.35 -5.48 -39.53
C LEU F 117 26.59 -5.40 -40.84
N LEU F 118 26.39 -4.18 -41.33
CA LEU F 118 25.83 -3.94 -42.66
C LEU F 118 26.92 -3.40 -43.57
N SER F 119 26.73 -3.61 -44.87
CA SER F 119 27.72 -3.20 -45.87
C SER F 119 27.18 -2.06 -46.72
N PHE F 120 28.05 -1.13 -47.07
CA PHE F 120 27.70 -0.06 -47.99
C PHE F 120 27.74 -0.57 -49.42
N ALA F 121 26.88 0.00 -50.26
CA ALA F 121 26.95 -0.30 -51.69
C ALA F 121 28.32 0.11 -52.21
N PRO F 122 28.96 -0.72 -53.04
CA PRO F 122 30.30 -0.39 -53.53
C PRO F 122 30.29 0.85 -54.41
N GLN F 123 31.45 1.49 -54.50
CA GLN F 123 31.64 2.63 -55.38
C GLN F 123 32.28 2.23 -56.70
N SER F 124 33.35 1.42 -56.65
CA SER F 124 34.08 1.05 -57.86
C SER F 124 34.87 -0.23 -57.70
N GLU F 125 34.17 -1.36 -57.51
CA GLU F 125 34.77 -2.69 -57.46
C GLU F 125 35.84 -2.81 -56.38
N GLU F 126 35.74 -2.02 -55.32
CA GLU F 126 36.64 -2.19 -54.18
C GLU F 126 36.07 -3.24 -53.24
N GLU F 127 36.86 -3.60 -52.23
CA GLU F 127 36.35 -4.48 -51.19
C GLU F 127 35.18 -3.80 -50.47
N LEU F 128 34.15 -4.57 -50.17
CA LEU F 128 32.97 -4.02 -49.53
C LEU F 128 33.31 -3.52 -48.13
N GLU F 129 32.76 -2.35 -47.78
CA GLU F 129 32.97 -1.74 -46.48
C GLU F 129 31.77 -2.02 -45.59
N TYR F 130 32.02 -2.60 -44.41
CA TYR F 130 30.97 -2.95 -43.48
C TYR F 130 30.95 -1.97 -42.31
N ALA F 131 29.75 -1.64 -41.85
CA ALA F 131 29.55 -0.73 -40.74
C ALA F 131 28.67 -1.38 -39.69
N PHE F 132 28.71 -0.82 -38.48
CA PHE F 132 28.01 -1.36 -37.33
C PHE F 132 26.63 -0.71 -37.21
N VAL F 133 25.59 -1.53 -37.14
CA VAL F 133 24.23 -1.06 -36.93
C VAL F 133 23.72 -1.63 -35.62
N ILE F 134 22.87 -0.86 -34.95
CA ILE F 134 22.35 -1.25 -33.64
C ILE F 134 20.94 -0.66 -33.49
N ARG F 135 20.08 -1.40 -32.81
CA ARG F 135 18.71 -0.94 -32.58
C ARG F 135 18.66 -0.03 -31.36
N ARG F 136 17.91 1.07 -31.50
CA ARG F 136 17.79 2.04 -30.41
C ARG F 136 17.00 1.43 -29.27
N TYR F 137 17.45 1.67 -28.04
CA TYR F 137 16.77 1.13 -26.86
C TYR F 137 15.71 2.06 -26.30
N ASP F 138 15.66 3.32 -26.71
CA ASP F 138 14.60 4.22 -26.29
C ASP F 138 13.39 4.16 -27.21
N ARG F 139 13.07 2.95 -27.68
CA ARG F 139 11.87 2.66 -28.44
C ARG F 139 11.28 1.35 -27.92
N ASP F 140 9.96 1.24 -27.91
CA ASP F 140 9.35 0.00 -27.43
C ASP F 140 9.01 -0.92 -28.59
N ASN F 141 7.94 -1.71 -28.44
CA ASN F 141 7.61 -2.71 -29.46
C ASN F 141 7.01 -2.06 -30.70
N LYS F 142 6.09 -1.11 -30.52
CA LYS F 142 5.48 -0.42 -31.63
C LYS F 142 6.32 0.75 -32.13
N GLY F 143 7.58 0.83 -31.73
CA GLY F 143 8.42 1.95 -32.14
C GLY F 143 8.08 3.27 -31.48
N LEU F 144 7.43 3.23 -30.32
CA LEU F 144 7.03 4.43 -29.59
C LEU F 144 8.12 4.83 -28.59
N PRO F 145 8.34 6.13 -28.42
CA PRO F 145 9.48 6.58 -27.61
C PRO F 145 9.36 6.17 -26.15
N VAL F 146 10.48 5.73 -25.59
CA VAL F 146 10.60 5.40 -24.18
C VAL F 146 11.64 6.34 -23.58
N HIS F 147 11.33 6.92 -22.43
CA HIS F 147 12.20 7.93 -21.85
C HIS F 147 13.43 7.31 -21.22
N GLN F 148 14.54 8.03 -21.29
CA GLN F 148 15.80 7.59 -20.73
C GLN F 148 16.61 8.81 -20.30
N GLU F 149 17.77 8.55 -19.71
CA GLU F 149 18.63 9.59 -19.17
C GLU F 149 20.03 9.03 -19.01
N GLN F 150 21.02 9.89 -19.17
CA GLN F 150 22.41 9.49 -18.96
C GLN F 150 22.84 9.86 -17.54
N LEU F 151 23.84 9.15 -17.04
CA LEU F 151 24.15 9.22 -15.62
C LEU F 151 24.81 10.53 -15.24
N ASP F 152 25.55 11.16 -16.15
CA ASP F 152 26.18 12.44 -15.83
C ASP F 152 25.12 13.48 -15.45
N GLY F 153 23.97 13.43 -16.11
CA GLY F 153 22.88 14.33 -15.80
C GLY F 153 22.13 13.96 -14.53
N ALA F 154 21.89 12.66 -14.34
CA ALA F 154 21.20 12.21 -13.13
C ALA F 154 22.01 12.52 -11.88
N MET F 155 23.31 12.25 -11.91
CA MET F 155 24.19 12.53 -10.80
C MET F 155 24.58 14.00 -10.70
N GLN F 156 24.06 14.83 -11.61
CA GLN F 156 24.34 16.27 -11.63
C GLN F 156 25.84 16.56 -11.76
N ILE F 157 26.55 15.67 -12.46
CA ILE F 157 27.99 15.78 -12.67
C ILE F 157 28.23 16.47 -14.00
N THR F 158 29.09 17.50 -13.99
CA THR F 158 29.27 18.36 -15.14
C THR F 158 30.25 17.80 -16.17
N ASP F 159 30.94 16.70 -15.87
CA ASP F 159 31.95 16.15 -16.75
C ASP F 159 31.73 14.64 -16.88
N LYS F 160 31.93 14.12 -18.09
CA LYS F 160 31.79 12.68 -18.31
C LYS F 160 32.71 11.88 -17.39
N TYR F 161 33.87 12.43 -17.05
CA TYR F 161 34.85 11.72 -16.24
C TYR F 161 34.92 12.23 -14.81
N GLY F 162 34.08 13.19 -14.42
CA GLY F 162 34.12 13.72 -13.08
C GLY F 162 35.28 14.64 -12.81
N LYS F 163 35.92 15.19 -13.84
CA LYS F 163 36.96 16.20 -13.66
C LYS F 163 36.31 17.54 -13.32
N THR F 164 35.69 17.57 -12.14
CA THR F 164 34.83 18.67 -11.71
C THR F 164 35.46 19.51 -10.61
N GLY F 165 36.79 19.52 -10.51
CA GLY F 165 37.43 20.25 -9.43
C GLY F 165 38.35 21.36 -9.90
N ASN F 166 39.15 21.90 -8.98
CA ASN F 166 40.13 22.91 -9.30
C ASN F 166 41.48 22.31 -9.68
N ASP F 167 41.53 21.02 -9.97
CA ASP F 167 42.72 20.35 -10.47
C ASP F 167 42.29 19.45 -11.62
N ASN F 168 43.15 18.48 -11.97
CA ASN F 168 42.87 17.56 -13.05
C ASN F 168 42.43 16.18 -12.55
N GLU F 169 41.92 16.10 -11.33
CA GLU F 169 41.56 14.83 -10.74
C GLU F 169 40.09 14.51 -10.98
N GLN F 170 39.76 13.22 -10.84
CA GLN F 170 38.40 12.73 -11.05
C GLN F 170 37.72 12.57 -9.69
N TYR F 171 36.48 13.05 -9.61
CA TYR F 171 35.76 13.10 -8.34
C TYR F 171 34.51 12.23 -8.32
N VAL F 172 34.36 11.34 -9.30
CA VAL F 172 33.32 10.32 -9.26
C VAL F 172 33.97 8.98 -9.63
N SER F 173 33.54 7.92 -8.96
CA SER F 173 34.13 6.61 -9.10
C SER F 173 33.05 5.58 -9.41
N TYR F 174 33.48 4.38 -9.79
CA TYR F 174 32.52 3.31 -10.03
C TYR F 174 31.82 2.91 -8.74
N GLU F 175 32.54 2.89 -7.62
CA GLU F 175 31.91 2.64 -6.33
C GLU F 175 30.85 3.69 -6.03
N THR F 176 31.21 4.97 -6.16
CA THR F 176 30.26 6.04 -5.91
C THR F 176 29.07 5.97 -6.87
N LEU F 177 29.34 5.59 -8.12
CA LEU F 177 28.27 5.49 -9.11
C LEU F 177 27.31 4.35 -8.78
N ALA F 178 27.86 3.18 -8.40
CA ALA F 178 27.01 2.04 -8.06
C ALA F 178 26.14 2.35 -6.85
N ARG F 179 26.68 3.08 -5.87
CA ARG F 179 25.88 3.48 -4.73
C ARG F 179 24.75 4.42 -5.14
N PHE F 180 24.99 5.27 -6.14
CA PHE F 180 23.92 6.10 -6.67
C PHE F 180 22.84 5.25 -7.33
N LEU F 181 23.26 4.22 -8.08
CA LEU F 181 22.30 3.44 -8.86
C LEU F 181 21.35 2.66 -7.97
N VAL F 182 21.88 1.99 -6.94
CA VAL F 182 21.01 1.23 -6.04
C VAL F 182 20.05 2.15 -5.30
N ALA F 183 20.38 3.44 -5.15
CA ALA F 183 19.49 4.37 -4.49
C ALA F 183 18.27 4.71 -5.34
N HIS F 184 18.32 4.44 -6.65
CA HIS F 184 17.26 4.87 -7.55
C HIS F 184 16.69 3.78 -8.44
N VAL F 185 17.29 2.58 -8.47
CA VAL F 185 16.66 1.45 -9.15
C VAL F 185 16.32 0.39 -8.12
N ASN F 186 15.84 -0.77 -8.57
CA ASN F 186 15.49 -1.86 -7.67
C ASN F 186 16.77 -2.55 -7.20
N ASP F 187 16.90 -2.72 -5.87
CA ASP F 187 18.14 -3.15 -5.25
C ASP F 187 18.35 -4.66 -5.28
N ASN F 188 17.70 -5.40 -6.19
CA ASN F 188 17.80 -6.86 -6.16
C ASN F 188 19.22 -7.32 -6.52
N ILE F 189 19.54 -8.55 -6.09
CA ILE F 189 20.88 -9.08 -6.28
C ILE F 189 21.22 -9.22 -7.75
N ALA F 190 20.23 -9.58 -8.58
CA ALA F 190 20.49 -9.79 -10.00
C ALA F 190 21.03 -8.53 -10.67
N PHE F 191 20.49 -7.37 -10.28
CA PHE F 191 21.01 -6.10 -10.78
C PHE F 191 22.44 -5.87 -10.33
N LYS F 192 22.72 -6.13 -9.04
CA LYS F 192 24.04 -5.85 -8.48
C LYS F 192 25.11 -6.72 -9.14
N ILE F 193 24.80 -7.97 -9.43
CA ILE F 193 25.74 -8.84 -10.12
C ILE F 193 26.01 -8.34 -11.53
N ASP F 194 24.96 -8.00 -12.27
CA ASP F 194 25.13 -7.52 -13.64
C ASP F 194 26.02 -6.29 -13.70
N LEU F 195 25.74 -5.30 -12.84
CA LEU F 195 26.53 -4.08 -12.84
C LEU F 195 27.98 -4.35 -12.45
N PHE F 196 28.18 -5.22 -11.46
CA PHE F 196 29.54 -5.59 -11.07
C PHE F 196 30.28 -6.25 -12.23
N ARG F 197 29.58 -7.10 -13.00
CA ARG F 197 30.20 -7.78 -14.11
C ARG F 197 30.46 -6.83 -15.28
N ARG F 198 29.58 -5.83 -15.48
CA ARG F 198 29.86 -4.81 -16.48
C ARG F 198 31.17 -4.10 -16.20
N ILE F 199 31.43 -3.79 -14.93
CA ILE F 199 32.65 -3.08 -14.57
C ILE F 199 33.86 -3.97 -14.72
N VAL F 200 33.77 -5.22 -14.24
CA VAL F 200 34.89 -6.15 -14.37
C VAL F 200 35.17 -6.44 -15.84
N TYR F 201 34.12 -6.51 -16.67
CA TYR F 201 34.33 -6.86 -18.06
C TYR F 201 34.78 -5.68 -18.91
N ALA F 202 34.43 -4.46 -18.52
CA ALA F 202 35.04 -3.31 -19.18
C ALA F 202 36.54 -3.27 -18.94
N TRP F 203 36.97 -3.65 -17.74
CA TRP F 203 38.40 -3.75 -17.44
C TRP F 203 39.04 -4.90 -18.20
N LEU F 204 38.42 -6.08 -18.16
CA LEU F 204 39.00 -7.25 -18.80
C LEU F 204 39.15 -7.06 -20.30
N LEU F 205 38.17 -6.42 -20.93
CA LEU F 205 38.16 -6.29 -22.39
C LEU F 205 38.84 -5.03 -22.89
N GLY F 206 39.27 -4.14 -22.01
CA GLY F 206 39.99 -2.96 -22.43
C GLY F 206 39.12 -1.79 -22.83
N ASN F 207 37.90 -1.69 -22.29
CA ASN F 207 37.05 -0.54 -22.52
C ASN F 207 37.32 0.50 -21.44
N ASN F 208 38.38 1.28 -21.64
CA ASN F 208 38.72 2.34 -20.72
C ASN F 208 38.02 3.66 -21.04
N ASP F 209 36.87 3.61 -21.72
CA ASP F 209 36.07 4.80 -21.99
C ASP F 209 34.61 4.57 -21.64
N MET F 210 34.35 3.75 -20.62
CA MET F 210 33.00 3.59 -20.09
C MET F 210 32.78 4.66 -19.02
N HIS F 211 32.48 5.86 -19.48
CA HIS F 211 32.30 7.02 -18.64
C HIS F 211 30.82 7.18 -18.28
N LEU F 212 30.48 8.29 -17.60
CA LEU F 212 29.13 8.45 -17.07
C LEU F 212 28.08 8.65 -18.15
N ARG F 213 28.48 9.05 -19.36
CA ARG F 213 27.52 9.13 -20.44
C ARG F 213 27.28 7.80 -21.13
N ASN F 214 28.01 6.75 -20.72
CA ASN F 214 27.79 5.40 -21.24
C ASN F 214 27.01 4.54 -20.25
N PHE F 215 26.46 5.13 -19.20
CA PHE F 215 25.46 4.51 -18.35
C PHE F 215 24.14 5.25 -18.55
N GLY F 216 23.05 4.52 -18.44
CA GLY F 216 21.73 5.07 -18.71
C GLY F 216 20.68 4.51 -17.79
N LEU F 217 19.63 5.31 -17.58
CA LEU F 217 18.46 4.92 -16.83
C LEU F 217 17.25 4.95 -17.75
N VAL F 218 16.51 3.84 -17.80
CA VAL F 218 15.34 3.72 -18.65
C VAL F 218 14.08 3.72 -17.79
N TYR F 219 13.13 4.59 -18.13
CA TYR F 219 11.89 4.72 -17.39
C TYR F 219 10.78 3.95 -18.10
N SER F 220 10.86 2.63 -17.99
CA SER F 220 9.97 1.73 -18.73
C SER F 220 8.76 1.35 -17.89
N ASP F 221 8.98 0.52 -16.86
CA ASP F 221 7.88 -0.02 -16.06
C ASP F 221 7.48 1.01 -15.01
N GLY F 222 6.59 1.92 -15.40
CA GLY F 222 6.15 2.94 -14.47
C GLY F 222 7.28 3.88 -14.08
N LEU F 223 7.12 4.46 -12.89
CA LEU F 223 8.07 5.46 -12.42
C LEU F 223 9.40 4.84 -11.99
N THR F 224 9.46 3.54 -11.77
CA THR F 224 10.71 2.94 -11.30
C THR F 224 11.70 2.80 -12.45
N PRO F 225 12.94 3.24 -12.28
CA PRO F 225 13.92 3.16 -13.36
C PRO F 225 14.65 1.83 -13.40
N ALA F 226 15.18 1.52 -14.57
CA ALA F 226 16.01 0.34 -14.78
C ALA F 226 17.32 0.77 -15.46
N LEU F 227 18.37 -0.01 -15.21
CA LEU F 227 19.65 0.27 -15.85
C LEU F 227 19.55 0.01 -17.35
N ALA F 228 20.04 0.96 -18.15
CA ALA F 228 19.97 0.85 -19.59
C ALA F 228 20.85 -0.29 -20.09
N PRO F 229 20.54 -0.85 -21.27
CA PRO F 229 21.37 -1.92 -21.82
C PRO F 229 22.80 -1.47 -22.07
N VAL F 230 23.66 -2.47 -22.30
CA VAL F 230 25.04 -2.18 -22.67
C VAL F 230 25.06 -1.46 -24.02
N TYR F 231 25.90 -0.45 -24.12
CA TYR F 231 26.11 0.23 -25.40
C TYR F 231 27.48 0.90 -25.37
N GLN F 232 27.93 1.30 -26.57
CA GLN F 232 29.21 1.99 -26.74
C GLN F 232 30.36 1.19 -26.13
N PHE F 233 30.33 -0.13 -26.34
CA PHE F 233 31.31 -1.05 -25.77
C PHE F 233 32.31 -1.43 -26.85
N VAL F 234 33.46 -0.76 -26.85
CA VAL F 234 34.53 -1.02 -27.80
C VAL F 234 35.79 -1.34 -26.99
N SER F 235 36.63 -2.21 -27.55
CA SER F 235 37.90 -2.56 -26.93
C SER F 235 38.99 -1.62 -27.46
N VAL F 236 39.67 -0.91 -26.55
CA VAL F 236 40.69 0.06 -26.93
C VAL F 236 42.08 -0.56 -26.97
N ALA F 237 42.19 -1.87 -26.74
CA ALA F 237 43.49 -2.54 -26.80
C ALA F 237 44.24 -2.36 -28.12
N PRO F 238 43.61 -2.35 -29.30
CA PRO F 238 44.39 -2.19 -30.54
C PRO F 238 45.05 -0.83 -30.70
N TYR F 239 44.73 0.14 -29.86
CA TYR F 239 45.21 1.52 -30.03
C TYR F 239 46.06 1.89 -28.83
N PRO F 240 47.39 1.75 -28.91
CA PRO F 240 48.21 1.75 -27.69
C PRO F 240 48.19 3.06 -26.92
N GLU F 241 48.18 4.19 -27.63
CA GLU F 241 48.16 5.48 -26.95
C GLU F 241 46.89 5.64 -26.13
N TYR F 242 45.73 5.42 -26.74
CA TYR F 242 44.46 5.55 -26.04
C TYR F 242 44.33 4.53 -24.91
N PHE F 243 44.96 3.37 -25.08
CA PHE F 243 44.87 2.30 -24.08
C PHE F 243 45.76 2.60 -22.87
N TYR F 244 46.99 3.01 -23.11
N TYR F 244 47.01 3.01 -23.11
CA TYR F 244 47.93 3.33 -22.03
CA TYR F 244 47.92 3.33 -22.01
C TYR F 244 47.62 4.67 -21.37
C TYR F 244 47.43 4.50 -21.18
N SER F 245 46.52 5.32 -21.72
CA SER F 245 46.14 6.56 -21.06
C SER F 245 45.51 6.31 -19.69
N ASN F 246 44.67 5.29 -19.57
CA ASN F 246 43.97 5.03 -18.32
C ASN F 246 43.59 3.56 -18.26
N TYR F 247 43.54 3.03 -17.03
CA TYR F 247 43.11 1.65 -16.84
C TYR F 247 41.60 1.52 -17.01
N LEU F 248 40.83 2.48 -16.48
CA LEU F 248 39.41 2.62 -16.77
C LEU F 248 39.08 4.10 -16.91
N ALA F 249 37.84 4.37 -17.30
CA ALA F 249 37.41 5.77 -17.47
C ALA F 249 37.35 6.48 -16.13
N LEU F 250 36.80 5.83 -15.11
CA LEU F 250 36.65 6.40 -13.78
C LEU F 250 37.52 5.66 -12.78
N PRO F 251 37.87 6.31 -11.67
CA PRO F 251 38.50 5.56 -10.57
C PRO F 251 37.57 4.45 -10.09
N LEU F 252 38.18 3.33 -9.69
CA LEU F 252 37.36 2.18 -9.32
C LEU F 252 36.72 2.35 -7.96
N LEU F 253 37.49 2.83 -6.98
CA LEU F 253 37.02 2.91 -5.59
C LEU F 253 36.80 4.35 -5.19
N THR F 254 35.89 4.55 -4.22
CA THR F 254 35.57 5.89 -3.74
C THR F 254 36.76 6.54 -3.05
N ARG F 255 37.64 5.72 -2.44
CA ARG F 255 38.82 6.26 -1.78
C ARG F 255 39.77 6.93 -2.77
N GLU F 256 39.67 6.64 -4.07
CA GLU F 256 40.57 7.18 -5.07
C GLU F 256 40.18 8.57 -5.56
N GLU F 257 39.00 9.06 -5.20
CA GLU F 257 38.50 10.30 -5.77
C GLU F 257 39.38 11.48 -5.36
N GLY F 258 39.60 12.39 -6.30
CA GLY F 258 40.49 13.50 -6.08
C GLY F 258 41.95 13.13 -5.90
N GLY F 259 42.34 11.91 -6.26
CA GLY F 259 43.69 11.45 -6.03
C GLY F 259 44.07 11.42 -4.57
N ARG F 260 43.09 11.25 -3.67
CA ARG F 260 43.37 11.30 -2.24
C ARG F 260 44.04 10.02 -1.75
N GLU F 261 43.61 8.87 -2.27
CA GLU F 261 44.16 7.59 -1.87
C GLU F 261 44.28 6.71 -3.10
N LEU F 262 45.15 5.71 -3.01
CA LEU F 262 45.37 4.79 -4.11
C LEU F 262 44.60 3.50 -3.88
N ALA F 263 44.21 2.84 -4.97
CA ALA F 263 43.65 1.51 -4.85
C ALA F 263 44.72 0.56 -4.30
N PRO F 264 44.30 -0.45 -3.53
CA PRO F 264 45.29 -1.40 -2.98
C PRO F 264 46.20 -2.02 -4.04
N GLY F 265 45.66 -2.32 -5.22
CA GLY F 265 46.48 -2.91 -6.26
C GLY F 265 47.60 -2.01 -6.74
N PHE F 266 47.42 -0.69 -6.60
CA PHE F 266 48.45 0.23 -7.03
C PHE F 266 49.68 0.18 -6.10
N HIS F 267 49.48 -0.22 -4.85
CA HIS F 267 50.60 -0.37 -3.93
C HIS F 267 51.31 -1.71 -4.08
N SER F 268 50.65 -2.70 -4.68
CA SER F 268 51.25 -4.02 -4.86
C SER F 268 52.35 -3.94 -5.91
N ASP F 269 53.02 -5.07 -6.13
CA ASP F 269 54.06 -5.15 -7.14
C ASP F 269 53.50 -5.06 -8.56
N TYR F 270 52.19 -5.27 -8.72
CA TYR F 270 51.60 -5.18 -10.04
C TYR F 270 51.29 -3.75 -10.45
N GLY F 271 51.06 -2.86 -9.47
CA GLY F 271 50.92 -1.44 -9.75
C GLY F 271 49.69 -1.05 -10.55
N GLU F 272 48.71 -1.92 -10.71
CA GLU F 272 47.46 -1.59 -11.39
C GLU F 272 46.31 -2.18 -10.58
N TYR F 273 45.10 -2.10 -11.13
CA TYR F 273 43.97 -2.76 -10.51
C TYR F 273 44.16 -4.27 -10.55
N ILE F 274 43.86 -4.94 -9.43
CA ILE F 274 43.92 -6.39 -9.38
C ILE F 274 42.64 -6.92 -8.77
N GLY F 275 42.62 -8.23 -8.46
CA GLY F 275 41.39 -8.85 -7.98
C GLY F 275 40.89 -8.28 -6.67
N GLN F 276 41.82 -7.95 -5.76
CA GLN F 276 41.41 -7.40 -4.47
C GLN F 276 40.73 -6.05 -4.62
N ASP F 277 41.09 -5.29 -5.65
CA ASP F 277 40.41 -4.02 -5.89
C ASP F 277 38.96 -4.23 -6.33
N PHE F 278 38.73 -5.27 -7.13
CA PHE F 278 37.37 -5.56 -7.57
C PHE F 278 36.56 -6.26 -6.48
N LEU F 279 37.23 -6.99 -5.59
CA LEU F 279 36.56 -7.50 -4.39
C LEU F 279 36.03 -6.35 -3.53
N LEU F 280 36.87 -5.33 -3.31
CA LEU F 280 36.44 -4.18 -2.51
C LEU F 280 35.30 -3.44 -3.17
N LEU F 281 35.26 -3.41 -4.51
CA LEU F 281 34.12 -2.82 -5.19
C LEU F 281 32.86 -3.62 -4.93
N GLY F 282 32.94 -4.95 -5.08
CA GLY F 282 31.78 -5.78 -4.82
C GLY F 282 31.32 -5.71 -3.38
N GLU F 283 32.26 -5.74 -2.44
CA GLU F 283 31.93 -5.60 -1.02
C GLU F 283 31.09 -4.36 -0.77
N SER F 284 31.51 -3.23 -1.33
CA SER F 284 30.78 -1.98 -1.16
C SER F 284 29.38 -2.07 -1.76
N MET F 285 29.20 -2.84 -2.83
CA MET F 285 27.88 -3.03 -3.41
C MET F 285 26.98 -3.90 -2.55
N GLY F 286 27.54 -4.60 -1.56
CA GLY F 286 26.76 -5.49 -0.73
C GLY F 286 26.76 -6.92 -1.17
N LEU F 287 27.71 -7.32 -2.02
CA LEU F 287 27.81 -8.70 -2.45
C LEU F 287 28.58 -9.52 -1.41
N ALA F 288 28.05 -10.70 -1.10
CA ALA F 288 28.67 -11.56 -0.10
C ALA F 288 30.02 -12.05 -0.61
N PRO F 289 30.97 -12.30 0.32
CA PRO F 289 32.28 -12.83 -0.12
C PRO F 289 32.18 -14.18 -0.80
N ARG F 290 31.33 -15.08 -0.29
CA ARG F 290 31.14 -16.37 -0.95
C ARG F 290 30.66 -16.20 -2.38
N LEU F 291 29.79 -15.22 -2.62
CA LEU F 291 29.27 -14.99 -3.97
C LEU F 291 30.38 -14.52 -4.90
N LEU F 292 31.18 -13.55 -4.45
CA LEU F 292 32.20 -12.97 -5.32
C LEU F 292 33.23 -14.01 -5.75
N GLU F 293 33.54 -14.96 -4.87
CA GLU F 293 34.41 -16.08 -5.25
C GLU F 293 33.81 -16.86 -6.42
N LYS F 294 32.53 -17.22 -6.32
CA LYS F 294 31.85 -17.90 -7.42
C LYS F 294 31.76 -16.99 -8.64
N LEU F 295 31.52 -15.70 -8.43
CA LEU F 295 31.47 -14.76 -9.55
C LEU F 295 32.80 -14.71 -10.29
N PHE F 296 33.90 -14.77 -9.54
CA PHE F 296 35.22 -14.80 -10.17
C PHE F 296 35.46 -16.11 -10.90
N GLN F 297 35.01 -17.22 -10.30
CA GLN F 297 35.19 -18.53 -10.94
C GLN F 297 34.45 -18.59 -12.27
N ASP F 298 33.23 -18.03 -12.33
CA ASP F 298 32.51 -17.99 -13.58
C ASP F 298 33.26 -17.21 -14.64
N ILE F 299 33.86 -16.07 -14.26
CA ILE F 299 34.58 -15.24 -15.21
C ILE F 299 35.77 -16.01 -15.78
N ARG F 300 36.46 -16.79 -14.95
CA ARG F 300 37.54 -17.64 -15.45
C ARG F 300 37.01 -18.64 -16.48
N LYS F 301 35.84 -19.23 -16.20
CA LYS F 301 35.27 -20.22 -17.11
C LYS F 301 34.84 -19.61 -18.45
N GLU F 302 34.67 -18.29 -18.51
CA GLU F 302 34.15 -17.63 -19.70
C GLU F 302 35.24 -17.23 -20.69
N ASN F 303 36.52 -17.43 -20.37
CA ASN F 303 37.55 -17.09 -21.34
C ASN F 303 37.42 -17.94 -22.60
N ALA F 304 36.87 -19.14 -22.48
CA ALA F 304 36.56 -19.94 -23.67
C ALA F 304 35.67 -19.17 -24.63
N ILE F 305 34.64 -18.52 -24.11
CA ILE F 305 33.76 -17.71 -24.94
C ILE F 305 34.50 -16.47 -25.44
N VAL F 306 35.37 -15.89 -24.60
CA VAL F 306 36.08 -14.68 -24.97
C VAL F 306 37.04 -14.96 -26.12
N MET F 307 37.86 -16.00 -25.99
CA MET F 307 38.74 -16.40 -27.09
C MET F 307 37.96 -16.66 -28.37
N GLU F 308 36.90 -17.46 -28.27
CA GLU F 308 36.16 -17.89 -29.44
C GLU F 308 35.53 -16.71 -30.17
N THR F 309 34.78 -15.88 -29.44
CA THR F 309 34.02 -14.80 -30.08
C THR F 309 34.94 -13.84 -30.83
N TYR F 310 36.08 -13.48 -30.23
CA TYR F 310 37.00 -12.59 -30.91
C TYR F 310 37.69 -13.29 -32.07
N GLU F 311 38.08 -14.56 -31.89
CA GLU F 311 38.78 -15.27 -32.95
C GLU F 311 37.91 -15.50 -34.18
N GLN F 312 36.60 -15.69 -34.00
CA GLN F 312 35.71 -15.86 -35.14
C GLN F 312 35.06 -14.56 -35.59
N SER F 313 35.56 -13.42 -35.10
CA SER F 313 35.02 -12.11 -35.46
C SER F 313 35.60 -11.64 -36.80
N PHE F 314 35.31 -10.39 -37.16
CA PHE F 314 35.76 -9.81 -38.43
C PHE F 314 36.77 -8.69 -38.24
N MET F 315 37.38 -8.57 -37.07
CA MET F 315 38.47 -7.61 -36.89
C MET F 315 39.73 -8.10 -37.58
N THR F 316 40.62 -7.14 -37.82
CA THR F 316 41.95 -7.47 -38.30
C THR F 316 42.69 -8.28 -37.25
N GLN F 317 43.52 -9.20 -37.69
CA GLN F 317 44.10 -10.08 -36.69
C GLN F 317 44.97 -9.36 -35.67
N ASP F 318 45.92 -8.55 -36.15
CA ASP F 318 46.79 -7.80 -35.25
C ASP F 318 46.01 -6.98 -34.22
N HIS F 319 44.73 -6.72 -34.50
CA HIS F 319 43.81 -6.14 -33.53
C HIS F 319 43.29 -7.22 -32.59
N ILE F 320 42.87 -8.37 -33.14
CA ILE F 320 42.44 -9.47 -32.30
C ILE F 320 43.57 -9.92 -31.39
N GLN F 321 44.77 -10.04 -31.94
CA GLN F 321 45.95 -10.37 -31.15
C GLN F 321 46.13 -9.38 -29.99
N ALA F 322 45.81 -8.10 -30.23
CA ALA F 322 45.97 -7.10 -29.18
C ALA F 322 44.97 -7.30 -28.06
N VAL F 323 43.70 -7.54 -28.40
CA VAL F 323 42.65 -7.67 -27.39
C VAL F 323 42.94 -8.86 -26.48
N LEU F 324 43.29 -10.01 -27.08
CA LEU F 324 43.51 -11.22 -26.29
C LEU F 324 44.73 -11.08 -25.37
N GLN F 325 45.71 -10.27 -25.77
CA GLN F 325 46.85 -9.99 -24.91
C GLN F 325 46.41 -9.25 -23.65
N CYS F 326 45.66 -8.15 -23.82
CA CYS F 326 45.14 -7.40 -22.69
C CYS F 326 44.23 -8.27 -21.83
N TYR F 327 43.33 -9.02 -22.46
CA TYR F 327 42.37 -9.84 -21.72
C TYR F 327 43.09 -10.88 -20.87
N ARG F 328 43.96 -11.69 -21.49
CA ARG F 328 44.66 -12.73 -20.75
C ARG F 328 45.48 -12.13 -19.61
N HIS F 329 46.06 -10.94 -19.82
CA HIS F 329 46.81 -10.28 -18.76
C HIS F 329 45.91 -9.96 -17.57
N ARG F 330 44.83 -9.22 -17.81
CA ARG F 330 44.00 -8.75 -16.72
C ARG F 330 43.22 -9.90 -16.08
N LEU F 331 42.78 -10.87 -16.88
CA LEU F 331 42.18 -12.07 -16.30
C LEU F 331 43.15 -12.78 -15.38
N GLY F 332 44.45 -12.72 -15.67
CA GLY F 332 45.43 -13.27 -14.75
C GLY F 332 45.54 -12.48 -13.46
N LEU F 333 45.25 -11.18 -13.49
CA LEU F 333 45.33 -10.36 -12.30
C LEU F 333 44.18 -10.61 -11.33
N LEU F 334 43.08 -11.19 -11.81
CA LEU F 334 41.92 -11.41 -10.95
C LEU F 334 42.21 -12.41 -9.83
N HIS F 335 43.26 -13.23 -9.97
CA HIS F 335 43.59 -14.23 -8.97
C HIS F 335 44.24 -13.63 -7.72
N HIS F 336 44.70 -12.38 -7.78
CA HIS F 336 45.48 -11.79 -6.70
C HIS F 336 44.55 -11.02 -5.77
N HIS F 337 44.22 -11.64 -4.63
CA HIS F 337 43.43 -10.96 -3.60
C HIS F 337 44.35 -10.23 -2.63
#